data_6WX8
#
_entry.id   6WX8
#
_cell.length_a   148.580
_cell.length_b   118.990
_cell.length_c   94.870
_cell.angle_alpha   90.000
_cell.angle_beta   128.770
_cell.angle_gamma   90.000
#
_symmetry.space_group_name_H-M   'C 1 2 1'
#
loop_
_entity.id
_entity.type
_entity.pdbx_description
1 polymer 'Importin subunit alpha-3'
2 polymer 'Transcription factor SOX-2'
3 non-polymer 'SULFATE ION'
4 water water
#
loop_
_entity_poly.entity_id
_entity_poly.type
_entity_poly.pdbx_seq_one_letter_code
_entity_poly.pdbx_strand_id
1 'polypeptide(L)'
;SGDYRVQNTSLEAIVQNASSDNQGIQLSAVQAARKLLSSDRNPPIDDLIKSGILPILVHCLERDDNPSLQFEAAWALTNI
ASGTSEQTQAVVQSNAVPLFLRLLHSPHQNVCEQAVWALGNIIGDGPQCRDYVISLGVVKPLLSFISPSIPITFLRNVTW
VMVNLCRHKDPPPPMETIQEILPALCVLIHHTDVNILVDTVWALSYLTDAGNEQIQMVIDSGIVPHLVPLLSHQEVKVQT
AALRAVGNIVTGTDEQTQVVLNCDALSHFPALLTHPKEKINKEAVWFLSNITAGNQQQVQAVIDANLVPMIIHLLDKGDF
GTQKEAAWAISNLTISGRKDQVAYLIQQNVIPPFCNLLTVKDAQVVQVVLDGLSNILKMAEDEAETIGNLIEECGGLEKI
EQLQNHENEDIYKLAYEIIDQFFSSDDIDEDPSLVPEAIQGGTFGFNSSANVPTEGFQF
;
A,C
2 'polypeptide(L)'
;SDRVKRPMNAFMVWSRGQRRKMAQENPKMHNSEISKRLGAEWKLLSETEKRPFIDEAKRLRALHMKEHPDYKYRPRRKTK
TLMKKDKYTL
;
B,D
#
loop_
_chem_comp.id
_chem_comp.type
_chem_comp.name
_chem_comp.formula
SO4 non-polymer 'SULFATE ION' 'O4 S -2'
#
# COMPACT_ATOMS: atom_id res chain seq x y z
N ARG A 5 1.01 -35.45 -35.49
CA ARG A 5 2.40 -35.37 -35.05
C ARG A 5 2.76 -36.61 -34.21
N VAL A 6 1.81 -37.08 -33.42
CA VAL A 6 2.03 -38.28 -32.62
C VAL A 6 1.99 -39.53 -33.47
N GLN A 7 1.08 -39.58 -34.44
CA GLN A 7 0.95 -40.73 -35.32
C GLN A 7 2.12 -40.90 -36.28
N ASN A 8 3.06 -39.95 -36.30
CA ASN A 8 4.11 -39.95 -37.31
C ASN A 8 5.52 -39.92 -36.68
N THR A 9 5.68 -40.55 -35.53
CA THR A 9 6.98 -40.65 -34.87
C THR A 9 6.90 -41.70 -33.77
N SER A 10 8.01 -42.42 -33.57
CA SER A 10 8.07 -43.48 -32.57
C SER A 10 8.26 -42.85 -31.19
N LEU A 11 7.23 -42.95 -30.35
CA LEU A 11 7.38 -42.49 -28.97
C LEU A 11 8.38 -43.37 -28.21
N GLU A 12 8.37 -44.68 -28.48
CA GLU A 12 9.34 -45.58 -27.85
C GLU A 12 10.77 -45.16 -28.16
N ALA A 13 11.05 -44.80 -29.42
CA ALA A 13 12.39 -44.36 -29.78
C ALA A 13 12.75 -43.08 -29.05
N ILE A 14 11.78 -42.18 -28.87
CA ILE A 14 12.02 -40.98 -28.08
C ILE A 14 12.38 -41.34 -26.65
N VAL A 15 11.57 -42.21 -26.03
CA VAL A 15 11.81 -42.61 -24.65
C VAL A 15 13.17 -43.30 -24.51
N GLN A 16 13.51 -44.18 -25.45
CA GLN A 16 14.77 -44.91 -25.36
C GLN A 16 15.96 -43.99 -25.63
N ASN A 17 15.81 -43.05 -26.58
CA ASN A 17 16.88 -42.10 -26.82
C ASN A 17 17.03 -41.13 -25.65
N ALA A 18 15.95 -40.83 -24.95
CA ALA A 18 16.02 -39.95 -23.79
C ALA A 18 16.78 -40.58 -22.63
N SER A 19 16.91 -41.92 -22.63
CA SER A 19 17.69 -42.62 -21.62
C SER A 19 19.09 -42.96 -22.12
N SER A 20 19.48 -42.48 -23.30
CA SER A 20 20.79 -42.77 -23.85
C SER A 20 21.87 -42.05 -23.06
N ASP A 21 23.07 -42.62 -23.07
CA ASP A 21 24.22 -42.00 -22.42
C ASP A 21 24.82 -40.87 -23.24
N ASN A 22 24.44 -40.74 -24.51
CA ASN A 22 24.92 -39.64 -25.34
C ASN A 22 24.06 -38.41 -25.09
N GLN A 23 24.71 -37.30 -24.72
CA GLN A 23 23.98 -36.09 -24.36
C GLN A 23 23.23 -35.52 -25.55
N GLY A 24 23.84 -35.54 -26.74
CA GLY A 24 23.17 -35.02 -27.92
C GLY A 24 21.93 -35.81 -28.27
N ILE A 25 22.01 -37.14 -28.22
CA ILE A 25 20.84 -37.97 -28.50
C ILE A 25 19.77 -37.75 -27.44
N GLN A 26 20.19 -37.62 -26.17
CA GLN A 26 19.25 -37.44 -25.08
C GLN A 26 18.50 -36.12 -25.21
N LEU A 27 19.23 -35.03 -25.47
CA LEU A 27 18.60 -33.71 -25.60
C LEU A 27 17.58 -33.70 -26.72
N SER A 28 17.93 -34.27 -27.88
CA SER A 28 17.00 -34.29 -29.01
C SER A 28 15.73 -35.07 -28.69
N ALA A 29 15.83 -36.09 -27.84
CA ALA A 29 14.65 -36.88 -27.48
C ALA A 29 13.74 -36.11 -26.53
N VAL A 30 14.33 -35.48 -25.51
CA VAL A 30 13.54 -34.66 -24.59
C VAL A 30 12.94 -33.47 -25.33
N GLN A 31 13.71 -32.87 -26.25
CA GLN A 31 13.20 -31.78 -27.06
C GLN A 31 12.01 -32.22 -27.90
N ALA A 32 12.10 -33.43 -28.48
CA ALA A 32 10.98 -33.95 -29.26
C ALA A 32 9.76 -34.18 -28.38
N ALA A 33 9.97 -34.67 -27.14
CA ALA A 33 8.86 -34.83 -26.21
C ALA A 33 8.23 -33.49 -25.87
N ARG A 34 9.07 -32.47 -25.65
CA ARG A 34 8.55 -31.13 -25.36
C ARG A 34 7.71 -30.61 -26.52
N LYS A 35 8.21 -30.75 -27.75
CA LYS A 35 7.48 -30.27 -28.91
C LYS A 35 6.16 -31.04 -29.09
N LEU A 36 6.16 -32.34 -28.80
CA LEU A 36 4.92 -33.10 -28.85
C LEU A 36 3.91 -32.56 -27.83
N LEU A 37 4.38 -32.08 -26.68
CA LEU A 37 3.53 -31.64 -25.59
C LEU A 37 3.18 -30.16 -25.67
N SER A 38 3.80 -29.39 -26.57
CA SER A 38 3.64 -27.94 -26.58
C SER A 38 3.34 -27.40 -27.97
N SER A 39 2.90 -28.25 -28.90
CA SER A 39 2.60 -27.79 -30.25
C SER A 39 1.16 -27.33 -30.41
N ASP A 40 0.27 -27.70 -29.50
CA ASP A 40 -1.11 -27.26 -29.52
C ASP A 40 -1.67 -27.40 -28.10
N ARG A 41 -2.93 -27.01 -27.94
CA ARG A 41 -3.60 -27.04 -26.65
C ARG A 41 -4.27 -28.38 -26.35
N ASN A 42 -4.02 -29.39 -27.17
CA ASN A 42 -4.54 -30.74 -26.95
C ASN A 42 -3.41 -31.74 -27.19
N PRO A 43 -2.40 -31.75 -26.32
CA PRO A 43 -1.23 -32.60 -26.55
C PRO A 43 -1.49 -34.02 -26.10
N PRO A 44 -0.62 -34.97 -26.47
CA PRO A 44 -0.80 -36.39 -26.08
C PRO A 44 -0.14 -36.72 -24.74
N ILE A 45 -0.73 -36.21 -23.67
CA ILE A 45 -0.14 -36.38 -22.35
C ILE A 45 -0.18 -37.84 -21.92
N ASP A 46 -1.31 -38.52 -22.15
CA ASP A 46 -1.45 -39.91 -21.72
C ASP A 46 -0.45 -40.81 -22.43
N ASP A 47 -0.29 -40.65 -23.75
CA ASP A 47 0.61 -41.50 -24.50
C ASP A 47 2.04 -41.39 -24.01
N LEU A 48 2.49 -40.17 -23.68
CA LEU A 48 3.86 -39.99 -23.21
C LEU A 48 4.03 -40.46 -21.77
N ILE A 49 2.98 -40.36 -20.95
CA ILE A 49 3.04 -40.93 -19.61
C ILE A 49 3.12 -42.46 -19.69
N LYS A 50 2.27 -43.06 -20.51
CA LYS A 50 2.26 -44.52 -20.64
C LYS A 50 3.56 -45.05 -21.22
N SER A 51 4.26 -44.24 -22.01
CA SER A 51 5.52 -44.68 -22.62
C SER A 51 6.67 -44.75 -21.63
N GLY A 52 6.49 -44.25 -20.41
CA GLY A 52 7.53 -44.34 -19.41
C GLY A 52 8.57 -43.24 -19.46
N ILE A 53 8.19 -42.04 -19.89
CA ILE A 53 9.16 -40.96 -20.01
C ILE A 53 9.26 -40.11 -18.74
N LEU A 54 8.28 -40.22 -17.83
CA LEU A 54 8.30 -39.41 -16.61
C LEU A 54 9.56 -39.63 -15.78
N PRO A 55 9.98 -40.86 -15.46
CA PRO A 55 11.22 -41.01 -14.67
C PRO A 55 12.44 -40.44 -15.38
N ILE A 56 12.44 -40.42 -16.71
CA ILE A 56 13.58 -39.89 -17.46
C ILE A 56 13.60 -38.37 -17.38
N LEU A 57 12.44 -37.74 -17.59
CA LEU A 57 12.36 -36.28 -17.49
C LEU A 57 12.71 -35.81 -16.09
N VAL A 58 12.21 -36.51 -15.07
CA VAL A 58 12.53 -36.16 -13.69
C VAL A 58 14.02 -36.28 -13.43
N HIS A 59 14.65 -37.34 -13.92
CA HIS A 59 16.09 -37.51 -13.73
C HIS A 59 16.86 -36.39 -14.42
N CYS A 60 16.38 -35.92 -15.57
CA CYS A 60 17.04 -34.83 -16.28
C CYS A 60 17.10 -33.56 -15.44
N LEU A 61 16.11 -33.36 -14.55
CA LEU A 61 16.11 -32.17 -13.71
C LEU A 61 17.34 -32.09 -12.81
N GLU A 62 17.94 -33.23 -12.49
CA GLU A 62 19.11 -33.24 -11.61
C GLU A 62 20.39 -32.86 -12.33
N ARG A 63 20.39 -32.84 -13.67
CA ARG A 63 21.63 -32.68 -14.43
C ARG A 63 21.98 -31.19 -14.49
N ASP A 64 22.56 -30.69 -13.40
CA ASP A 64 23.05 -29.32 -13.37
C ASP A 64 24.10 -29.07 -14.44
N ASP A 65 24.78 -30.12 -14.90
CA ASP A 65 25.80 -29.98 -15.94
C ASP A 65 25.21 -29.68 -17.31
N ASN A 66 23.90 -29.87 -17.50
CA ASN A 66 23.24 -29.66 -18.78
C ASN A 66 22.00 -28.80 -18.53
N PRO A 67 22.18 -27.48 -18.40
CA PRO A 67 21.01 -26.61 -18.17
C PRO A 67 20.00 -26.65 -19.30
N SER A 68 20.43 -26.93 -20.53
CA SER A 68 19.48 -27.09 -21.63
C SER A 68 18.61 -28.32 -21.43
N LEU A 69 19.20 -29.40 -20.90
CA LEU A 69 18.43 -30.61 -20.65
C LEU A 69 17.45 -30.41 -19.48
N GLN A 70 17.87 -29.69 -18.45
CA GLN A 70 16.96 -29.35 -17.36
C GLN A 70 15.80 -28.50 -17.87
N PHE A 71 16.10 -27.49 -18.68
CA PHE A 71 15.06 -26.60 -19.21
C PHE A 71 14.05 -27.37 -20.05
N GLU A 72 14.52 -28.17 -21.02
CA GLU A 72 13.62 -28.92 -21.88
C GLU A 72 12.77 -29.90 -21.08
N ALA A 73 13.36 -30.54 -20.07
CA ALA A 73 12.61 -31.51 -19.28
C ALA A 73 11.59 -30.82 -18.39
N ALA A 74 11.97 -29.71 -17.77
CA ALA A 74 11.00 -28.93 -16.99
C ALA A 74 9.87 -28.42 -17.87
N TRP A 75 10.19 -28.00 -19.09
CA TRP A 75 9.17 -27.59 -20.04
C TRP A 75 8.21 -28.74 -20.36
N ALA A 76 8.77 -29.92 -20.64
CA ALA A 76 7.94 -31.10 -20.90
C ALA A 76 7.06 -31.43 -19.70
N LEU A 77 7.66 -31.42 -18.51
CA LEU A 77 6.88 -31.74 -17.31
C LEU A 77 5.86 -30.66 -16.98
N THR A 78 6.18 -29.40 -17.29
CA THR A 78 5.22 -28.31 -17.07
C THR A 78 3.90 -28.59 -17.80
N ASN A 79 3.99 -28.98 -19.08
CA ASN A 79 2.77 -29.17 -19.87
C ASN A 79 2.07 -30.48 -19.53
N ILE A 80 2.82 -31.49 -19.07
CA ILE A 80 2.17 -32.69 -18.56
C ILE A 80 1.36 -32.38 -17.32
N ALA A 81 1.92 -31.56 -16.41
CA ALA A 81 1.22 -31.19 -15.19
C ALA A 81 0.07 -30.23 -15.47
N SER A 82 0.02 -29.62 -16.65
CA SER A 82 -1.05 -28.70 -17.01
C SER A 82 -2.35 -29.40 -17.37
N GLY A 83 -2.40 -30.73 -17.36
CA GLY A 83 -3.58 -31.44 -17.81
C GLY A 83 -4.59 -31.70 -16.71
N THR A 84 -5.15 -32.91 -16.70
CA THR A 84 -6.13 -33.28 -15.69
C THR A 84 -5.45 -33.55 -14.36
N SER A 85 -6.28 -33.69 -13.30
CA SER A 85 -5.74 -34.02 -11.99
C SER A 85 -4.99 -35.34 -12.00
N GLU A 86 -5.44 -36.30 -12.80
CA GLU A 86 -4.74 -37.58 -12.90
C GLU A 86 -3.36 -37.40 -13.50
N GLN A 87 -3.24 -36.54 -14.52
CA GLN A 87 -1.95 -36.32 -15.17
C GLN A 87 -1.02 -35.47 -14.31
N THR A 88 -1.58 -34.48 -13.60
CA THR A 88 -0.79 -33.72 -12.64
C THR A 88 -0.28 -34.61 -11.52
N GLN A 89 -1.15 -35.49 -11.00
CA GLN A 89 -0.74 -36.40 -9.93
C GLN A 89 0.40 -37.32 -10.38
N ALA A 90 0.38 -37.72 -11.66
CA ALA A 90 1.48 -38.55 -12.17
C ALA A 90 2.82 -37.85 -12.03
N VAL A 91 2.85 -36.53 -12.28
CA VAL A 91 4.09 -35.77 -12.09
C VAL A 91 4.46 -35.73 -10.62
N VAL A 92 3.48 -35.54 -9.74
CA VAL A 92 3.75 -35.48 -8.31
C VAL A 92 4.30 -36.80 -7.80
N GLN A 93 3.70 -37.92 -8.24
CA GLN A 93 4.18 -39.23 -7.81
C GLN A 93 5.56 -39.58 -8.36
N SER A 94 6.04 -38.84 -9.36
CA SER A 94 7.40 -39.01 -9.85
C SER A 94 8.42 -38.29 -8.99
N ASN A 95 7.99 -37.65 -7.90
CA ASN A 95 8.88 -36.91 -7.00
C ASN A 95 9.63 -35.81 -7.74
N ALA A 96 8.93 -35.14 -8.65
CA ALA A 96 9.55 -34.05 -9.41
C ALA A 96 9.55 -32.74 -8.64
N VAL A 97 8.62 -32.56 -7.70
CA VAL A 97 8.51 -31.28 -6.99
C VAL A 97 9.79 -30.94 -6.21
N PRO A 98 10.40 -31.85 -5.45
CA PRO A 98 11.66 -31.49 -4.79
C PRO A 98 12.75 -31.05 -5.76
N LEU A 99 12.78 -31.61 -6.97
CA LEU A 99 13.77 -31.18 -7.95
C LEU A 99 13.42 -29.83 -8.55
N PHE A 100 12.13 -29.56 -8.77
CA PHE A 100 11.71 -28.23 -9.21
C PHE A 100 12.09 -27.18 -8.18
N LEU A 101 11.94 -27.49 -6.89
CA LEU A 101 12.31 -26.55 -5.84
C LEU A 101 13.81 -26.30 -5.83
N ARG A 102 14.60 -27.34 -6.08
CA ARG A 102 16.05 -27.14 -6.20
C ARG A 102 16.38 -26.25 -7.40
N LEU A 103 15.64 -26.40 -8.49
CA LEU A 103 15.89 -25.60 -9.69
C LEU A 103 15.51 -24.14 -9.51
N LEU A 104 14.76 -23.79 -8.46
CA LEU A 104 14.47 -22.40 -8.19
C LEU A 104 15.73 -21.62 -7.82
N HIS A 105 16.79 -22.32 -7.41
CA HIS A 105 18.07 -21.70 -7.10
C HIS A 105 19.08 -21.86 -8.24
N SER A 106 18.63 -22.34 -9.40
CA SER A 106 19.53 -22.48 -10.52
C SER A 106 20.03 -21.10 -10.98
N PRO A 107 21.29 -20.99 -11.39
CA PRO A 107 21.78 -19.70 -11.91
C PRO A 107 21.27 -19.38 -13.30
N HIS A 108 20.56 -20.30 -13.95
CA HIS A 108 20.07 -20.12 -15.32
C HIS A 108 18.62 -19.68 -15.26
N GLN A 109 18.36 -18.48 -15.80
CA GLN A 109 17.05 -17.84 -15.63
C GLN A 109 15.93 -18.71 -16.20
N ASN A 110 16.09 -19.21 -17.42
CA ASN A 110 15.03 -19.99 -18.05
C ASN A 110 14.73 -21.26 -17.27
N VAL A 111 15.73 -21.82 -16.59
CA VAL A 111 15.50 -23.02 -15.77
C VAL A 111 14.66 -22.66 -14.55
N CYS A 112 14.95 -21.53 -13.91
CA CYS A 112 14.14 -21.07 -12.79
C CYS A 112 12.70 -20.82 -13.21
N GLU A 113 12.52 -19.99 -14.25
CA GLU A 113 11.17 -19.64 -14.70
C GLU A 113 10.36 -20.88 -15.03
N GLN A 114 10.96 -21.84 -15.75
CA GLN A 114 10.22 -23.04 -16.12
C GLN A 114 9.90 -23.89 -14.90
N ALA A 115 10.81 -23.94 -13.93
CA ALA A 115 10.52 -24.62 -12.68
C ALA A 115 9.37 -23.93 -11.93
N VAL A 116 9.37 -22.60 -11.92
CA VAL A 116 8.27 -21.85 -11.32
C VAL A 116 6.95 -22.23 -11.99
N TRP A 117 6.94 -22.24 -13.33
CA TRP A 117 5.73 -22.56 -14.08
C TRP A 117 5.22 -23.96 -13.75
N ALA A 118 6.14 -24.94 -13.74
CA ALA A 118 5.73 -26.31 -13.43
C ALA A 118 5.14 -26.40 -12.03
N LEU A 119 5.76 -25.74 -11.06
CA LEU A 119 5.21 -25.73 -9.70
C LEU A 119 3.84 -25.06 -9.65
N GLY A 120 3.63 -24.04 -10.49
CA GLY A 120 2.33 -23.38 -10.50
C GLY A 120 1.20 -24.29 -10.91
N ASN A 121 1.43 -25.11 -11.95
CA ASN A 121 0.40 -26.05 -12.38
C ASN A 121 0.12 -27.10 -11.31
N ILE A 122 1.14 -27.50 -10.57
CA ILE A 122 0.94 -28.49 -9.51
C ILE A 122 0.17 -27.87 -8.34
N ILE A 123 0.56 -26.66 -7.93
CA ILE A 123 -0.13 -25.99 -6.84
C ILE A 123 -1.58 -25.74 -7.20
N GLY A 124 -1.86 -25.42 -8.46
CA GLY A 124 -3.20 -25.11 -8.89
C GLY A 124 -4.12 -26.31 -9.01
N ASP A 125 -3.60 -27.53 -8.84
CA ASP A 125 -4.44 -28.71 -8.99
C ASP A 125 -5.48 -28.80 -7.88
N GLY A 126 -5.09 -28.49 -6.65
CA GLY A 126 -5.99 -28.56 -5.52
C GLY A 126 -5.30 -28.29 -4.19
N PRO A 127 -6.07 -28.31 -3.10
CA PRO A 127 -5.48 -27.99 -1.80
C PRO A 127 -4.44 -29.00 -1.33
N GLN A 128 -4.57 -30.26 -1.72
CA GLN A 128 -3.60 -31.27 -1.31
C GLN A 128 -2.24 -31.00 -1.93
N CYS A 129 -2.19 -30.87 -3.26
CA CYS A 129 -0.93 -30.53 -3.93
C CYS A 129 -0.42 -29.17 -3.48
N ARG A 130 -1.32 -28.19 -3.33
CA ARG A 130 -0.92 -26.87 -2.86
C ARG A 130 -0.19 -26.96 -1.52
N ASP A 131 -0.80 -27.64 -0.55
CA ASP A 131 -0.18 -27.78 0.77
C ASP A 131 1.08 -28.63 0.71
N TYR A 132 1.11 -29.63 -0.17
CA TYR A 132 2.32 -30.43 -0.36
C TYR A 132 3.50 -29.56 -0.81
N VAL A 133 3.28 -28.74 -1.84
CA VAL A 133 4.34 -27.89 -2.35
C VAL A 133 4.67 -26.79 -1.33
N ILE A 134 3.65 -26.29 -0.62
CA ILE A 134 3.89 -25.32 0.44
C ILE A 134 4.76 -25.93 1.53
N SER A 135 4.44 -27.15 1.97
CA SER A 135 5.15 -27.77 3.08
C SER A 135 6.61 -28.03 2.73
N LEU A 136 6.93 -28.26 1.46
CA LEU A 136 8.31 -28.44 1.05
C LEU A 136 9.09 -27.13 0.98
N GLY A 137 8.42 -25.98 1.01
CA GLY A 137 9.11 -24.72 1.14
C GLY A 137 9.16 -23.87 -0.11
N VAL A 138 8.04 -23.81 -0.85
CA VAL A 138 8.04 -23.09 -2.12
C VAL A 138 7.92 -21.58 -1.92
N VAL A 139 7.26 -21.13 -0.85
CA VAL A 139 6.87 -19.72 -0.74
C VAL A 139 8.11 -18.84 -0.62
N LYS A 140 9.06 -19.22 0.24
CA LYS A 140 10.24 -18.38 0.47
C LYS A 140 11.04 -18.12 -0.80
N PRO A 141 11.50 -19.13 -1.54
CA PRO A 141 12.24 -18.83 -2.78
C PRO A 141 11.39 -18.17 -3.84
N LEU A 142 10.09 -18.50 -3.90
CA LEU A 142 9.22 -17.89 -4.90
C LEU A 142 9.11 -16.38 -4.71
N LEU A 143 8.88 -15.95 -3.48
CA LEU A 143 8.72 -14.52 -3.22
C LEU A 143 10.04 -13.77 -3.33
N SER A 144 11.17 -14.46 -3.17
CA SER A 144 12.46 -13.80 -3.35
C SER A 144 12.67 -13.33 -4.77
N PHE A 145 11.99 -13.95 -5.74
CA PHE A 145 12.07 -13.50 -7.13
C PHE A 145 11.46 -12.12 -7.31
N ILE A 146 10.53 -11.72 -6.45
CA ILE A 146 9.86 -10.44 -6.58
C ILE A 146 10.83 -9.33 -6.19
N SER A 147 11.38 -8.65 -7.19
CA SER A 147 12.30 -7.54 -6.96
C SER A 147 12.19 -6.60 -8.15
N PRO A 148 12.80 -5.41 -8.06
CA PRO A 148 12.82 -4.54 -9.24
C PRO A 148 13.63 -5.10 -10.40
N SER A 149 14.55 -6.04 -10.15
CA SER A 149 15.45 -6.55 -11.18
C SER A 149 14.95 -7.85 -11.80
N ILE A 150 13.65 -8.13 -11.72
CA ILE A 150 13.09 -9.34 -12.33
C ILE A 150 12.48 -8.95 -13.67
N PRO A 151 12.69 -9.74 -14.73
CA PRO A 151 11.99 -9.49 -15.98
C PRO A 151 10.47 -9.53 -15.78
N ILE A 152 9.77 -8.61 -16.45
CA ILE A 152 8.34 -8.46 -16.27
C ILE A 152 7.60 -9.76 -16.60
N THR A 153 8.05 -10.45 -17.65
CA THR A 153 7.38 -11.69 -18.06
C THR A 153 7.51 -12.77 -16.98
N PHE A 154 8.67 -12.83 -16.33
CA PHE A 154 8.84 -13.74 -15.20
C PHE A 154 7.93 -13.36 -14.06
N LEU A 155 7.90 -12.07 -13.70
CA LEU A 155 7.10 -11.61 -12.56
C LEU A 155 5.62 -11.95 -12.77
N ARG A 156 5.13 -11.80 -14.00
CA ARG A 156 3.76 -12.21 -14.29
C ARG A 156 3.53 -13.68 -13.96
N ASN A 157 4.51 -14.53 -14.26
CA ASN A 157 4.40 -15.95 -13.92
C ASN A 157 4.44 -16.15 -12.41
N VAL A 158 5.31 -15.41 -11.72
CA VAL A 158 5.39 -15.52 -10.26
C VAL A 158 4.06 -15.15 -9.62
N THR A 159 3.46 -14.03 -10.05
CA THR A 159 2.18 -13.61 -9.49
C THR A 159 1.10 -14.65 -9.76
N TRP A 160 1.12 -15.27 -10.94
CA TRP A 160 0.15 -16.31 -11.24
C TRP A 160 0.28 -17.49 -10.29
N VAL A 161 1.52 -17.87 -9.97
CA VAL A 161 1.73 -18.95 -8.99
C VAL A 161 1.19 -18.55 -7.63
N MET A 162 1.39 -17.28 -7.25
CA MET A 162 0.86 -16.78 -5.99
C MET A 162 -0.66 -16.84 -5.98
N VAL A 163 -1.31 -16.62 -7.14
CA VAL A 163 -2.76 -16.74 -7.22
C VAL A 163 -3.20 -18.15 -6.86
N ASN A 164 -2.52 -19.16 -7.43
CA ASN A 164 -2.88 -20.55 -7.13
C ASN A 164 -2.65 -20.91 -5.68
N LEU A 165 -1.67 -20.26 -5.03
CA LEU A 165 -1.42 -20.51 -3.61
C LEU A 165 -2.56 -20.03 -2.72
N CYS A 166 -3.43 -19.16 -3.24
CA CYS A 166 -4.54 -18.59 -2.48
C CYS A 166 -5.88 -19.21 -2.84
N ARG A 167 -5.91 -20.15 -3.77
CA ARG A 167 -7.15 -20.43 -4.52
C ARG A 167 -8.17 -21.24 -3.71
N HIS A 168 -7.76 -22.39 -3.19
CA HIS A 168 -8.73 -23.37 -2.69
C HIS A 168 -9.09 -23.13 -1.23
N LYS A 169 -10.34 -23.43 -0.91
CA LYS A 169 -10.95 -23.09 0.37
C LYS A 169 -11.21 -24.29 1.29
N ASP A 170 -11.05 -25.51 0.79
CA ASP A 170 -11.40 -26.72 1.56
C ASP A 170 -10.20 -27.66 1.64
N PRO A 171 -9.21 -27.34 2.50
CA PRO A 171 -9.12 -26.18 3.39
C PRO A 171 -8.40 -25.02 2.72
N PRO A 172 -8.49 -23.82 3.28
CA PRO A 172 -7.72 -22.70 2.75
C PRO A 172 -6.23 -22.90 3.00
N PRO A 173 -5.38 -22.17 2.29
CA PRO A 173 -3.94 -22.29 2.53
C PRO A 173 -3.60 -22.00 3.99
N PRO A 174 -2.47 -22.53 4.48
CA PRO A 174 -2.13 -22.32 5.89
C PRO A 174 -2.03 -20.84 6.23
N MET A 175 -2.28 -20.53 7.50
CA MET A 175 -2.20 -19.14 7.96
C MET A 175 -0.82 -18.56 7.72
N GLU A 176 0.22 -19.31 8.06
CA GLU A 176 1.59 -18.82 7.88
C GLU A 176 1.87 -18.48 6.42
N THR A 177 1.32 -19.27 5.49
CA THR A 177 1.54 -18.99 4.08
C THR A 177 0.82 -17.72 3.63
N ILE A 178 -0.43 -17.55 4.08
CA ILE A 178 -1.18 -16.34 3.76
C ILE A 178 -0.46 -15.11 4.31
N GLN A 179 0.10 -15.24 5.51
CA GLN A 179 0.78 -14.11 6.14
C GLN A 179 2.09 -13.78 5.43
N GLU A 180 2.72 -14.75 4.77
CA GLU A 180 3.93 -14.48 4.00
C GLU A 180 3.61 -13.81 2.67
N ILE A 181 2.50 -14.19 2.04
CA ILE A 181 2.20 -13.74 0.69
C ILE A 181 1.68 -12.30 0.69
N LEU A 182 0.91 -11.94 1.71
CA LEU A 182 0.28 -10.62 1.74
C LEU A 182 1.27 -9.46 1.67
N PRO A 183 2.42 -9.47 2.36
CA PRO A 183 3.41 -8.39 2.12
C PRO A 183 3.86 -8.30 0.68
N ALA A 184 3.95 -9.42 -0.03
CA ALA A 184 4.32 -9.37 -1.44
C ALA A 184 3.20 -8.79 -2.29
N LEU A 185 1.94 -9.15 -1.97
CA LEU A 185 0.81 -8.57 -2.68
C LEU A 185 0.72 -7.06 -2.43
N CYS A 186 1.18 -6.60 -1.28
CA CYS A 186 1.23 -5.16 -1.02
C CYS A 186 2.16 -4.47 -2.00
N VAL A 187 3.30 -5.09 -2.30
CA VAL A 187 4.21 -4.52 -3.28
C VAL A 187 3.61 -4.60 -4.68
N LEU A 188 3.07 -5.78 -5.04
CA LEU A 188 2.58 -5.99 -6.40
C LEU A 188 1.31 -5.20 -6.70
N ILE A 189 0.55 -4.79 -5.68
CA ILE A 189 -0.67 -4.03 -5.91
C ILE A 189 -0.38 -2.62 -6.40
N HIS A 190 0.86 -2.17 -6.32
CA HIS A 190 1.27 -0.86 -6.82
C HIS A 190 1.86 -0.93 -8.23
N HIS A 191 1.95 -2.13 -8.81
CA HIS A 191 2.58 -2.28 -10.11
C HIS A 191 1.74 -1.66 -11.21
N THR A 192 2.42 -1.16 -12.24
CA THR A 192 1.75 -0.50 -13.35
C THR A 192 1.26 -1.50 -14.40
N ASP A 193 1.90 -2.67 -14.49
CA ASP A 193 1.48 -3.67 -15.47
C ASP A 193 0.09 -4.20 -15.13
N VAL A 194 -0.81 -4.14 -16.10
CA VAL A 194 -2.21 -4.50 -15.85
C VAL A 194 -2.31 -5.99 -15.49
N ASN A 195 -1.52 -6.84 -16.15
CA ASN A 195 -1.61 -8.27 -15.90
C ASN A 195 -1.23 -8.62 -14.47
N ILE A 196 -0.17 -7.98 -13.96
CA ILE A 196 0.23 -8.22 -12.57
C ILE A 196 -0.79 -7.64 -11.61
N LEU A 197 -1.31 -6.44 -11.90
CA LEU A 197 -2.27 -5.81 -11.01
C LEU A 197 -3.56 -6.62 -10.93
N VAL A 198 -4.07 -7.07 -12.08
CA VAL A 198 -5.30 -7.87 -12.09
C VAL A 198 -5.09 -9.17 -11.33
N ASP A 199 -3.95 -9.84 -11.55
CA ASP A 199 -3.68 -11.09 -10.86
C ASP A 199 -3.50 -10.88 -9.37
N THR A 200 -2.84 -9.79 -8.97
CA THR A 200 -2.67 -9.49 -7.55
C THR A 200 -4.02 -9.33 -6.86
N VAL A 201 -4.96 -8.65 -7.52
CA VAL A 201 -6.27 -8.43 -6.90
C VAL A 201 -7.08 -9.72 -6.91
N TRP A 202 -6.98 -10.52 -7.98
CA TRP A 202 -7.64 -11.82 -7.99
C TRP A 202 -7.16 -12.70 -6.85
N ALA A 203 -5.85 -12.67 -6.57
CA ALA A 203 -5.33 -13.41 -5.43
C ALA A 203 -5.94 -12.92 -4.12
N LEU A 204 -6.12 -11.61 -3.99
CA LEU A 204 -6.79 -11.07 -2.81
C LEU A 204 -8.24 -11.50 -2.76
N SER A 205 -8.92 -11.52 -3.90
CA SER A 205 -10.33 -11.91 -3.92
C SER A 205 -10.52 -13.38 -3.54
N TYR A 206 -9.54 -14.23 -3.84
CA TYR A 206 -9.62 -15.62 -3.40
C TYR A 206 -9.37 -15.73 -1.90
N LEU A 207 -8.45 -14.93 -1.36
CA LEU A 207 -8.21 -14.94 0.08
C LEU A 207 -9.43 -14.42 0.84
N THR A 208 -10.03 -13.34 0.38
CA THR A 208 -11.21 -12.79 1.04
C THR A 208 -12.44 -13.66 0.86
N ASP A 209 -12.41 -14.62 -0.06
CA ASP A 209 -13.49 -15.59 -0.22
C ASP A 209 -13.24 -16.87 0.55
N ALA A 210 -12.16 -16.95 1.33
CA ALA A 210 -11.77 -18.17 2.02
C ALA A 210 -12.30 -18.25 3.45
N GLY A 211 -13.01 -17.22 3.92
CA GLY A 211 -13.55 -17.24 5.27
C GLY A 211 -13.20 -15.99 6.05
N ASN A 212 -13.91 -15.76 7.16
CA ASN A 212 -13.70 -14.54 7.94
C ASN A 212 -12.34 -14.49 8.59
N GLU A 213 -11.76 -15.65 8.93
CA GLU A 213 -10.40 -15.65 9.46
C GLU A 213 -9.40 -15.21 8.40
N GLN A 214 -9.61 -15.63 7.15
CA GLN A 214 -8.72 -15.21 6.07
C GLN A 214 -8.95 -13.75 5.72
N ILE A 215 -10.21 -13.30 5.76
CA ILE A 215 -10.50 -11.88 5.60
C ILE A 215 -9.76 -11.07 6.64
N GLN A 216 -9.67 -11.57 7.87
CA GLN A 216 -8.97 -10.85 8.92
C GLN A 216 -7.48 -10.81 8.67
N MET A 217 -6.92 -11.88 8.09
CA MET A 217 -5.51 -11.86 7.69
C MET A 217 -5.26 -10.78 6.65
N VAL A 218 -6.14 -10.67 5.67
CA VAL A 218 -6.02 -9.62 4.65
C VAL A 218 -6.06 -8.25 5.31
N ILE A 219 -6.99 -8.05 6.24
CA ILE A 219 -7.10 -6.76 6.92
C ILE A 219 -5.85 -6.48 7.75
N ASP A 220 -5.37 -7.47 8.49
CA ASP A 220 -4.20 -7.28 9.34
C ASP A 220 -2.93 -7.01 8.55
N SER A 221 -2.89 -7.37 7.27
CA SER A 221 -1.73 -7.06 6.45
C SER A 221 -1.63 -5.56 6.15
N GLY A 222 -2.73 -4.82 6.29
CA GLY A 222 -2.74 -3.41 5.97
C GLY A 222 -3.00 -3.09 4.52
N ILE A 223 -3.41 -4.07 3.71
CA ILE A 223 -3.52 -3.87 2.28
C ILE A 223 -4.89 -3.35 1.86
N VAL A 224 -5.90 -3.43 2.73
CA VAL A 224 -7.24 -2.97 2.36
C VAL A 224 -7.25 -1.50 1.95
N PRO A 225 -6.56 -0.58 2.65
CA PRO A 225 -6.50 0.81 2.15
C PRO A 225 -5.87 0.94 0.77
N HIS A 226 -5.13 -0.07 0.29
CA HIS A 226 -4.58 -0.04 -1.05
C HIS A 226 -5.47 -0.74 -2.07
N LEU A 227 -6.39 -1.59 -1.62
CA LEU A 227 -7.31 -2.28 -2.51
C LEU A 227 -8.53 -1.43 -2.84
N VAL A 228 -9.06 -0.72 -1.84
CA VAL A 228 -10.28 0.07 -2.05
C VAL A 228 -10.13 1.11 -3.15
N PRO A 229 -9.05 1.91 -3.22
CA PRO A 229 -8.95 2.89 -4.31
C PRO A 229 -9.05 2.30 -5.71
N LEU A 230 -8.75 1.00 -5.87
CA LEU A 230 -8.83 0.36 -7.18
C LEU A 230 -10.25 0.26 -7.70
N LEU A 231 -11.25 0.57 -6.88
CA LEU A 231 -12.64 0.59 -7.37
C LEU A 231 -12.85 1.64 -8.45
N SER A 232 -12.01 2.68 -8.48
CA SER A 232 -12.08 3.73 -9.50
C SER A 232 -10.92 3.64 -10.48
N HIS A 233 -10.25 2.50 -10.56
CA HIS A 233 -9.09 2.37 -11.43
C HIS A 233 -9.49 2.56 -12.89
N GLN A 234 -8.52 3.02 -13.69
CA GLN A 234 -8.79 3.30 -15.10
C GLN A 234 -9.09 2.03 -15.88
N GLU A 235 -8.46 0.92 -15.54
CA GLU A 235 -8.69 -0.35 -16.22
C GLU A 235 -9.88 -1.04 -15.57
N VAL A 236 -10.89 -1.35 -16.40
CA VAL A 236 -12.12 -1.96 -15.87
C VAL A 236 -11.84 -3.34 -15.29
N LYS A 237 -10.89 -4.08 -15.88
CA LYS A 237 -10.55 -5.40 -15.35
C LYS A 237 -9.98 -5.31 -13.94
N VAL A 238 -9.31 -4.19 -13.62
CA VAL A 238 -8.85 -3.96 -12.26
C VAL A 238 -10.03 -3.61 -11.36
N GLN A 239 -10.97 -2.82 -11.86
CA GLN A 239 -12.12 -2.41 -11.05
C GLN A 239 -12.96 -3.60 -10.63
N THR A 240 -13.36 -4.44 -11.58
CA THR A 240 -14.25 -5.56 -11.26
C THR A 240 -13.56 -6.55 -10.32
N ALA A 241 -12.27 -6.81 -10.54
CA ALA A 241 -11.52 -7.67 -9.64
C ALA A 241 -11.48 -7.07 -8.24
N ALA A 242 -11.24 -5.77 -8.13
CA ALA A 242 -11.22 -5.11 -6.83
C ALA A 242 -12.61 -5.07 -6.21
N LEU A 243 -13.65 -4.89 -7.03
CA LEU A 243 -15.01 -4.83 -6.51
C LEU A 243 -15.43 -6.15 -5.90
N ARG A 244 -15.12 -7.26 -6.58
CA ARG A 244 -15.40 -8.57 -6.01
C ARG A 244 -14.57 -8.82 -4.76
N ALA A 245 -13.31 -8.42 -4.76
CA ALA A 245 -12.44 -8.63 -3.60
C ALA A 245 -12.98 -7.91 -2.37
N VAL A 246 -13.31 -6.63 -2.49
CA VAL A 246 -13.87 -5.90 -1.36
C VAL A 246 -15.29 -6.38 -1.06
N GLY A 247 -16.03 -6.80 -2.10
CA GLY A 247 -17.34 -7.38 -1.86
C GLY A 247 -17.28 -8.61 -0.98
N ASN A 248 -16.24 -9.42 -1.14
CA ASN A 248 -16.07 -10.58 -0.27
C ASN A 248 -15.78 -10.17 1.17
N ILE A 249 -15.07 -9.06 1.37
CA ILE A 249 -14.75 -8.63 2.73
C ILE A 249 -16.01 -8.24 3.49
N VAL A 250 -16.93 -7.55 2.80
CA VAL A 250 -18.16 -7.09 3.47
C VAL A 250 -19.18 -8.20 3.64
N THR A 251 -18.85 -9.43 3.23
CA THR A 251 -19.60 -10.61 3.65
C THR A 251 -19.15 -11.14 4.99
N GLY A 252 -18.17 -10.50 5.62
CA GLY A 252 -17.68 -10.90 6.92
C GLY A 252 -18.48 -10.26 8.04
N THR A 253 -17.83 -10.12 9.20
CA THR A 253 -18.48 -9.54 10.37
C THR A 253 -18.75 -8.05 10.15
N ASP A 254 -19.46 -7.46 11.11
CA ASP A 254 -19.70 -6.02 11.06
C ASP A 254 -18.41 -5.24 11.21
N GLU A 255 -17.49 -5.74 12.04
CA GLU A 255 -16.20 -5.07 12.24
C GLU A 255 -15.37 -5.09 10.96
N GLN A 256 -15.37 -6.22 10.25
CA GLN A 256 -14.63 -6.31 8.99
C GLN A 256 -15.29 -5.47 7.90
N THR A 257 -16.63 -5.42 7.87
CA THR A 257 -17.31 -4.53 6.94
C THR A 257 -16.99 -3.08 7.23
N GLN A 258 -16.86 -2.73 8.52
CA GLN A 258 -16.57 -1.35 8.88
C GLN A 258 -15.18 -0.91 8.41
N VAL A 259 -14.22 -1.83 8.41
CA VAL A 259 -12.87 -1.51 7.92
C VAL A 259 -12.95 -1.02 6.48
N VAL A 260 -13.73 -1.71 5.64
CA VAL A 260 -13.91 -1.28 4.25
C VAL A 260 -14.54 0.10 4.20
N LEU A 261 -15.57 0.34 5.02
CA LEU A 261 -16.25 1.63 5.02
C LEU A 261 -15.33 2.74 5.51
N ASN A 262 -14.47 2.44 6.50
CA ASN A 262 -13.51 3.44 6.97
C ASN A 262 -12.51 3.84 5.89
N CYS A 263 -12.34 3.01 4.86
CA CYS A 263 -11.51 3.36 3.72
C CYS A 263 -12.26 4.16 2.67
N ASP A 264 -13.45 4.66 3.01
CA ASP A 264 -14.25 5.49 2.10
C ASP A 264 -14.61 4.73 0.83
N ALA A 265 -14.97 3.45 0.99
CA ALA A 265 -15.35 2.63 -0.15
C ALA A 265 -16.56 3.19 -0.88
N LEU A 266 -17.52 3.73 -0.13
CA LEU A 266 -18.76 4.20 -0.73
C LEU A 266 -18.55 5.37 -1.69
N SER A 267 -17.47 6.14 -1.51
CA SER A 267 -17.18 7.25 -2.41
C SER A 267 -17.04 6.79 -3.86
N HIS A 268 -16.64 5.55 -4.09
CA HIS A 268 -16.44 5.04 -5.44
C HIS A 268 -17.71 4.50 -6.07
N PHE A 269 -18.81 4.48 -5.34
CA PHE A 269 -20.01 3.79 -5.81
C PHE A 269 -20.95 4.65 -6.66
N PRO A 270 -21.01 5.98 -6.47
CA PRO A 270 -21.73 6.79 -7.47
C PRO A 270 -21.30 6.50 -8.90
N ALA A 271 -20.00 6.41 -9.15
CA ALA A 271 -19.52 6.08 -10.49
C ALA A 271 -19.86 4.62 -10.85
N LEU A 272 -19.79 3.72 -9.87
CA LEU A 272 -20.10 2.32 -10.16
C LEU A 272 -21.57 2.11 -10.44
N LEU A 273 -22.45 2.84 -9.75
CA LEU A 273 -23.88 2.67 -9.96
C LEU A 273 -24.34 3.26 -11.29
N THR A 274 -23.60 4.21 -11.84
CA THR A 274 -23.90 4.79 -13.15
C THR A 274 -23.01 4.25 -14.25
N HIS A 275 -22.25 3.19 -13.98
CA HIS A 275 -21.35 2.64 -14.97
C HIS A 275 -22.14 2.07 -16.15
N PRO A 276 -21.64 2.21 -17.38
CA PRO A 276 -22.36 1.64 -18.53
C PRO A 276 -22.56 0.14 -18.43
N LYS A 277 -21.56 -0.60 -17.98
CA LYS A 277 -21.68 -2.05 -17.85
C LYS A 277 -22.77 -2.39 -16.83
N GLU A 278 -23.78 -3.15 -17.28
CA GLU A 278 -24.87 -3.51 -16.39
C GLU A 278 -24.42 -4.48 -15.30
N LYS A 279 -23.52 -5.41 -15.62
CA LYS A 279 -23.03 -6.34 -14.61
C LYS A 279 -22.27 -5.63 -13.50
N ILE A 280 -21.58 -4.53 -13.83
CA ILE A 280 -20.90 -3.77 -12.79
C ILE A 280 -21.91 -3.07 -11.89
N ASN A 281 -23.03 -2.62 -12.45
CA ASN A 281 -24.10 -2.08 -11.62
C ASN A 281 -24.66 -3.16 -10.70
N LYS A 282 -24.95 -4.34 -11.25
CA LYS A 282 -25.45 -5.44 -10.44
C LYS A 282 -24.49 -5.80 -9.32
N GLU A 283 -23.19 -5.88 -9.64
CA GLU A 283 -22.20 -6.19 -8.62
C GLU A 283 -22.16 -5.11 -7.54
N ALA A 284 -22.19 -3.84 -7.95
CA ALA A 284 -22.11 -2.75 -6.98
C ALA A 284 -23.32 -2.75 -6.05
N VAL A 285 -24.47 -3.19 -6.53
CA VAL A 285 -25.65 -3.24 -5.67
C VAL A 285 -25.58 -4.45 -4.75
N TRP A 286 -25.07 -5.57 -5.24
CA TRP A 286 -24.85 -6.73 -4.37
C TRP A 286 -23.94 -6.37 -3.21
N PHE A 287 -22.86 -5.63 -3.48
CA PHE A 287 -22.02 -5.09 -2.42
C PHE A 287 -22.85 -4.31 -1.42
N LEU A 288 -23.59 -3.31 -1.90
CA LEU A 288 -24.35 -2.44 -1.01
C LEU A 288 -25.43 -3.20 -0.24
N SER A 289 -25.98 -4.26 -0.84
CA SER A 289 -26.94 -5.09 -0.13
C SER A 289 -26.33 -5.73 1.10
N ASN A 290 -25.06 -6.15 0.99
CA ASN A 290 -24.36 -6.69 2.15
C ASN A 290 -24.03 -5.60 3.16
N ILE A 291 -24.04 -4.33 2.76
CA ILE A 291 -23.84 -3.25 3.70
C ILE A 291 -25.12 -2.94 4.47
N THR A 292 -26.23 -2.81 3.74
CA THR A 292 -27.52 -2.57 4.38
C THR A 292 -28.00 -3.75 5.21
N ALA A 293 -27.38 -4.92 5.04
CA ALA A 293 -27.65 -6.06 5.91
C ALA A 293 -26.84 -6.03 7.20
N GLY A 294 -26.07 -4.97 7.43
CA GLY A 294 -25.25 -4.83 8.62
C GLY A 294 -25.99 -4.14 9.75
N ASN A 295 -25.24 -3.38 10.54
CA ASN A 295 -25.82 -2.70 11.68
C ASN A 295 -26.43 -1.36 11.26
N GLN A 296 -26.97 -0.63 12.23
CA GLN A 296 -27.62 0.65 11.95
C GLN A 296 -26.60 1.70 11.51
N GLN A 297 -25.40 1.67 12.08
CA GLN A 297 -24.36 2.61 11.66
C GLN A 297 -23.98 2.41 10.20
N GLN A 298 -23.98 1.16 9.74
CA GLN A 298 -23.63 0.88 8.35
C GLN A 298 -24.76 1.21 7.39
N VAL A 299 -26.02 1.05 7.81
CA VAL A 299 -27.13 1.56 7.03
C VAL A 299 -27.04 3.08 6.92
N GLN A 300 -26.71 3.73 8.03
CA GLN A 300 -26.53 5.19 8.03
C GLN A 300 -25.42 5.60 7.06
N ALA A 301 -24.36 4.79 6.98
CA ALA A 301 -23.25 5.12 6.07
C ALA A 301 -23.72 5.12 4.62
N VAL A 302 -24.57 4.17 4.24
CA VAL A 302 -25.13 4.16 2.89
C VAL A 302 -26.02 5.39 2.69
N ILE A 303 -26.72 5.81 3.75
CA ILE A 303 -27.56 7.00 3.66
C ILE A 303 -26.70 8.24 3.46
N ASP A 304 -25.71 8.44 4.33
CA ASP A 304 -24.85 9.62 4.24
C ASP A 304 -24.08 9.69 2.94
N ALA A 305 -23.89 8.57 2.25
CA ALA A 305 -23.17 8.54 0.98
C ALA A 305 -24.04 8.93 -0.21
N ASN A 306 -25.28 9.34 0.04
CA ASN A 306 -26.21 9.76 -1.00
C ASN A 306 -26.48 8.65 -2.01
N LEU A 307 -26.35 7.40 -1.56
CA LEU A 307 -26.53 6.24 -2.43
C LEU A 307 -27.96 5.72 -2.45
N VAL A 308 -28.73 5.99 -1.39
CA VAL A 308 -30.13 5.53 -1.35
C VAL A 308 -30.93 5.98 -2.57
N PRO A 309 -30.89 7.26 -2.98
CA PRO A 309 -31.60 7.62 -4.23
C PRO A 309 -31.11 6.82 -5.43
N MET A 310 -29.81 6.53 -5.48
CA MET A 310 -29.27 5.79 -6.63
C MET A 310 -29.65 4.32 -6.56
N ILE A 311 -29.75 3.75 -5.36
CA ILE A 311 -30.25 2.38 -5.23
C ILE A 311 -31.72 2.31 -5.63
N ILE A 312 -32.52 3.26 -5.14
CA ILE A 312 -33.92 3.33 -5.54
C ILE A 312 -34.04 3.63 -7.03
N HIS A 313 -33.18 4.52 -7.53
CA HIS A 313 -33.17 4.82 -8.96
C HIS A 313 -32.84 3.59 -9.78
N LEU A 314 -31.89 2.77 -9.32
CA LEU A 314 -31.58 1.54 -10.06
C LEU A 314 -32.66 0.49 -9.87
N LEU A 315 -33.29 0.44 -8.69
CA LEU A 315 -34.43 -0.44 -8.50
C LEU A 315 -35.50 -0.21 -9.56
N ASP A 316 -35.67 1.04 -9.97
CA ASP A 316 -36.66 1.43 -10.97
C ASP A 316 -36.00 1.56 -12.33
N LYS A 317 -36.67 1.05 -13.37
CA LYS A 317 -36.15 1.12 -14.73
C LYS A 317 -34.73 0.58 -14.83
N GLY A 318 -34.45 -0.49 -14.09
CA GLY A 318 -33.15 -1.12 -14.14
C GLY A 318 -33.22 -2.50 -14.77
N ASP A 319 -32.08 -3.03 -15.22
CA ASP A 319 -32.07 -4.41 -15.71
C ASP A 319 -32.49 -5.37 -14.60
N PHE A 320 -33.07 -6.50 -15.02
CA PHE A 320 -33.68 -7.42 -14.06
C PHE A 320 -32.69 -7.88 -13.00
N GLY A 321 -31.46 -8.22 -13.41
CA GLY A 321 -30.46 -8.65 -12.45
C GLY A 321 -30.18 -7.61 -11.39
N THR A 322 -30.00 -6.35 -11.80
CA THR A 322 -29.74 -5.28 -10.84
C THR A 322 -30.95 -5.00 -9.97
N GLN A 323 -32.17 -5.11 -10.51
CA GLN A 323 -33.35 -4.87 -9.70
C GLN A 323 -33.49 -5.90 -8.59
N LYS A 324 -33.12 -7.15 -8.87
CA LYS A 324 -33.15 -8.18 -7.83
C LYS A 324 -32.21 -7.81 -6.68
N GLU A 325 -30.98 -7.42 -7.00
CA GLU A 325 -30.04 -7.01 -5.97
C GLU A 325 -30.53 -5.77 -5.23
N ALA A 326 -31.16 -4.85 -5.95
CA ALA A 326 -31.69 -3.65 -5.31
C ALA A 326 -32.81 -3.99 -4.34
N ALA A 327 -33.67 -4.96 -4.71
CA ALA A 327 -34.71 -5.42 -3.80
C ALA A 327 -34.11 -6.01 -2.52
N TRP A 328 -33.04 -6.81 -2.67
CA TRP A 328 -32.34 -7.33 -1.51
C TRP A 328 -31.78 -6.19 -0.65
N ALA A 329 -31.15 -5.21 -1.30
CA ALA A 329 -30.57 -4.08 -0.57
C ALA A 329 -31.65 -3.31 0.20
N ILE A 330 -32.81 -3.09 -0.42
CA ILE A 330 -33.90 -2.38 0.24
C ILE A 330 -34.45 -3.20 1.40
N SER A 331 -34.84 -4.44 1.11
CA SER A 331 -35.42 -5.30 2.15
C SER A 331 -34.48 -5.47 3.34
N ASN A 332 -33.19 -5.68 3.07
CA ASN A 332 -32.22 -5.78 4.16
C ASN A 332 -32.23 -4.55 5.03
N LEU A 333 -32.43 -3.37 4.43
CA LEU A 333 -32.47 -2.14 5.21
C LEU A 333 -33.67 -2.11 6.14
N THR A 334 -34.81 -2.63 5.68
CA THR A 334 -36.00 -2.67 6.55
C THR A 334 -35.77 -3.59 7.74
N ILE A 335 -34.89 -4.58 7.60
CA ILE A 335 -34.59 -5.48 8.70
C ILE A 335 -33.64 -4.82 9.69
N SER A 336 -32.63 -4.11 9.19
CA SER A 336 -31.60 -3.53 10.05
C SER A 336 -31.83 -2.06 10.36
N GLY A 337 -32.58 -1.34 9.54
CA GLY A 337 -32.70 0.09 9.71
C GLY A 337 -33.60 0.49 10.87
N ARG A 338 -33.34 1.68 11.40
CA ARG A 338 -34.19 2.27 12.41
C ARG A 338 -35.46 2.83 11.78
N LYS A 339 -36.36 3.33 12.62
CA LYS A 339 -37.61 3.90 12.11
C LYS A 339 -37.34 5.11 11.22
N ASP A 340 -36.42 5.99 11.64
CA ASP A 340 -36.08 7.16 10.84
C ASP A 340 -35.40 6.76 9.53
N GLN A 341 -34.60 5.68 9.55
CA GLN A 341 -33.89 5.28 8.34
C GLN A 341 -34.85 4.69 7.31
N VAL A 342 -35.83 3.90 7.76
CA VAL A 342 -36.87 3.43 6.84
C VAL A 342 -37.80 4.58 6.47
N ALA A 343 -37.99 5.54 7.37
CA ALA A 343 -38.76 6.74 7.02
C ALA A 343 -38.10 7.51 5.88
N TYR A 344 -36.78 7.72 5.98
CA TYR A 344 -36.06 8.37 4.89
C TYR A 344 -36.20 7.59 3.59
N LEU A 345 -36.18 6.26 3.68
CA LEU A 345 -36.37 5.44 2.48
C LEU A 345 -37.73 5.71 1.86
N ILE A 346 -38.77 5.84 2.69
CA ILE A 346 -40.11 6.13 2.21
C ILE A 346 -40.16 7.50 1.56
N GLN A 347 -39.55 8.50 2.22
CA GLN A 347 -39.57 9.87 1.72
C GLN A 347 -38.97 9.98 0.32
N GLN A 348 -38.05 9.08 -0.03
CA GLN A 348 -37.39 9.09 -1.33
C GLN A 348 -38.17 8.31 -2.39
N ASN A 349 -39.46 8.06 -2.16
CA ASN A 349 -40.35 7.43 -3.14
C ASN A 349 -39.91 6.01 -3.44
N VAL A 350 -39.71 5.22 -2.38
CA VAL A 350 -39.26 3.84 -2.54
C VAL A 350 -40.43 2.90 -2.83
N ILE A 351 -41.64 3.25 -2.42
CA ILE A 351 -42.78 2.35 -2.43
C ILE A 351 -43.20 1.98 -3.85
N PRO A 352 -43.33 2.92 -4.80
CA PRO A 352 -43.76 2.53 -6.15
C PRO A 352 -42.80 1.54 -6.79
N PRO A 353 -41.48 1.81 -6.85
CA PRO A 353 -40.59 0.83 -7.50
C PRO A 353 -40.47 -0.46 -6.72
N PHE A 354 -40.52 -0.41 -5.39
CA PHE A 354 -40.47 -1.62 -4.58
C PHE A 354 -41.68 -2.50 -4.86
N CYS A 355 -42.88 -1.90 -4.90
CA CYS A 355 -44.10 -2.66 -5.16
C CYS A 355 -44.18 -3.14 -6.60
N ASN A 356 -43.56 -2.42 -7.53
CA ASN A 356 -43.59 -2.83 -8.94
C ASN A 356 -42.91 -4.18 -9.14
N LEU A 357 -42.08 -4.63 -8.20
CA LEU A 357 -41.46 -5.94 -8.29
C LEU A 357 -42.31 -7.04 -7.70
N LEU A 358 -43.52 -6.73 -7.23
CA LEU A 358 -44.41 -7.78 -6.75
C LEU A 358 -44.92 -8.66 -7.89
N THR A 359 -44.81 -8.20 -9.13
CA THR A 359 -45.27 -8.94 -10.30
C THR A 359 -44.18 -9.76 -10.95
N VAL A 360 -42.97 -9.81 -10.37
CA VAL A 360 -41.89 -10.55 -11.02
C VAL A 360 -42.15 -12.04 -10.90
N LYS A 361 -41.56 -12.80 -11.83
CA LYS A 361 -41.76 -14.24 -11.85
C LYS A 361 -40.86 -14.99 -10.88
N ASP A 362 -39.75 -14.37 -10.47
CA ASP A 362 -38.86 -14.97 -9.49
C ASP A 362 -39.54 -15.05 -8.13
N ALA A 363 -39.67 -16.27 -7.60
CA ALA A 363 -40.35 -16.45 -6.32
C ALA A 363 -39.54 -15.87 -5.18
N GLN A 364 -38.21 -15.94 -5.25
CA GLN A 364 -37.37 -15.41 -4.19
C GLN A 364 -37.48 -13.89 -4.08
N VAL A 365 -37.55 -13.20 -5.23
CA VAL A 365 -37.67 -11.74 -5.21
C VAL A 365 -38.96 -11.32 -4.54
N VAL A 366 -40.09 -11.90 -4.97
CA VAL A 366 -41.38 -11.58 -4.38
C VAL A 366 -41.36 -11.82 -2.87
N GLN A 367 -40.75 -12.93 -2.45
CA GLN A 367 -40.63 -13.21 -1.02
C GLN A 367 -39.84 -12.11 -0.31
N VAL A 368 -38.73 -11.69 -0.92
CA VAL A 368 -37.90 -10.65 -0.32
C VAL A 368 -38.65 -9.32 -0.25
N VAL A 369 -39.39 -8.97 -1.31
CA VAL A 369 -40.09 -7.70 -1.35
C VAL A 369 -41.25 -7.70 -0.36
N LEU A 370 -41.98 -8.82 -0.25
CA LEU A 370 -43.09 -8.89 0.69
C LEU A 370 -42.60 -8.76 2.13
N ASP A 371 -41.47 -9.41 2.44
CA ASP A 371 -40.88 -9.28 3.77
C ASP A 371 -40.53 -7.82 4.06
N GLY A 372 -39.99 -7.11 3.08
CA GLY A 372 -39.65 -5.71 3.27
C GLY A 372 -40.87 -4.86 3.56
N LEU A 373 -41.89 -4.96 2.71
CA LEU A 373 -43.13 -4.24 2.93
C LEU A 373 -43.72 -4.57 4.29
N SER A 374 -43.70 -5.84 4.67
CA SER A 374 -44.19 -6.24 5.99
C SER A 374 -43.45 -5.52 7.09
N ASN A 375 -42.11 -5.45 6.99
CA ASN A 375 -41.32 -4.76 8.00
C ASN A 375 -41.57 -3.25 7.98
N ILE A 376 -41.85 -2.68 6.80
CA ILE A 376 -42.14 -1.26 6.70
C ILE A 376 -43.41 -0.92 7.48
N LEU A 377 -44.48 -1.68 7.25
CA LEU A 377 -45.73 -1.44 7.95
C LEU A 377 -45.58 -1.63 9.45
N LYS A 378 -44.88 -2.69 9.86
CA LYS A 378 -44.70 -2.95 11.29
C LYS A 378 -43.87 -1.87 11.96
N MET A 379 -43.00 -1.20 11.21
CA MET A 379 -42.11 -0.20 11.81
C MET A 379 -42.84 1.12 12.07
N ALA A 380 -43.68 1.55 11.14
CA ALA A 380 -44.46 2.78 11.30
C ALA A 380 -45.83 2.39 11.84
N GLU A 381 -45.87 2.18 13.16
CA GLU A 381 -47.11 1.76 13.81
C GLU A 381 -48.18 2.84 13.74
N ASP A 382 -47.81 4.08 14.11
CA ASP A 382 -48.79 5.17 14.12
C ASP A 382 -49.24 5.52 12.71
N GLU A 383 -48.30 5.52 11.75
CA GLU A 383 -48.58 5.91 10.38
C GLU A 383 -48.70 4.71 9.44
N ALA A 384 -49.08 3.55 9.97
CA ALA A 384 -49.29 2.39 9.12
C ALA A 384 -50.40 2.64 8.11
N GLU A 385 -51.42 3.41 8.50
CA GLU A 385 -52.51 3.72 7.58
C GLU A 385 -52.02 4.56 6.40
N THR A 386 -51.13 5.52 6.67
CA THR A 386 -50.59 6.35 5.60
C THR A 386 -49.79 5.52 4.61
N ILE A 387 -48.99 4.57 5.11
CA ILE A 387 -48.21 3.73 4.21
C ILE A 387 -49.13 2.78 3.43
N GLY A 388 -50.15 2.25 4.09
CA GLY A 388 -51.11 1.41 3.39
C GLY A 388 -51.78 2.14 2.24
N ASN A 389 -52.03 3.44 2.43
CA ASN A 389 -52.54 4.27 1.33
C ASN A 389 -51.51 4.37 0.22
N LEU A 390 -50.26 4.68 0.57
CA LEU A 390 -49.20 4.77 -0.42
C LEU A 390 -49.06 3.47 -1.22
N ILE A 391 -49.14 2.33 -0.53
CA ILE A 391 -49.12 1.05 -1.22
C ILE A 391 -50.31 0.93 -2.16
N GLU A 392 -51.48 1.42 -1.74
CA GLU A 392 -52.68 1.32 -2.56
C GLU A 392 -52.62 2.27 -3.76
N GLU A 393 -52.10 3.48 -3.55
CA GLU A 393 -52.09 4.48 -4.62
C GLU A 393 -51.35 3.97 -5.85
N CYS A 394 -50.18 3.35 -5.65
CA CYS A 394 -49.37 2.86 -6.76
C CYS A 394 -49.84 1.52 -7.28
N GLY A 395 -50.97 1.01 -6.80
CA GLY A 395 -51.45 -0.30 -7.19
C GLY A 395 -50.81 -1.45 -6.45
N GLY A 396 -50.04 -1.17 -5.39
CA GLY A 396 -49.37 -2.25 -4.67
C GLY A 396 -50.34 -3.19 -3.99
N LEU A 397 -51.35 -2.62 -3.31
CA LEU A 397 -52.33 -3.45 -2.61
C LEU A 397 -53.03 -4.41 -3.57
N GLU A 398 -53.28 -3.98 -4.80
CA GLU A 398 -53.82 -4.88 -5.81
C GLU A 398 -52.86 -6.04 -6.07
N LYS A 399 -51.56 -5.75 -6.16
CA LYS A 399 -50.59 -6.79 -6.44
C LYS A 399 -50.40 -7.73 -5.25
N ILE A 400 -50.48 -7.21 -4.03
CA ILE A 400 -50.45 -8.06 -2.85
C ILE A 400 -51.63 -9.02 -2.84
N GLU A 401 -52.82 -8.51 -3.19
CA GLU A 401 -54.02 -9.34 -3.21
C GLU A 401 -53.93 -10.43 -4.27
N GLN A 402 -53.36 -10.10 -5.44
CA GLN A 402 -53.13 -11.14 -6.44
C GLN A 402 -52.16 -12.19 -5.94
N LEU A 403 -51.21 -11.81 -5.09
CA LEU A 403 -50.27 -12.76 -4.52
C LEU A 403 -50.88 -13.62 -3.41
N GLN A 404 -52.11 -13.31 -2.98
CA GLN A 404 -52.78 -14.18 -2.02
C GLN A 404 -53.09 -15.55 -2.62
N ASN A 405 -53.16 -15.64 -3.94
CA ASN A 405 -53.33 -16.92 -4.62
C ASN A 405 -52.04 -17.43 -5.23
N HIS A 406 -50.90 -16.85 -4.84
CA HIS A 406 -49.62 -17.31 -5.36
C HIS A 406 -49.37 -18.76 -4.97
N GLU A 407 -48.50 -19.41 -5.73
CA GLU A 407 -48.27 -20.84 -5.55
C GLU A 407 -47.43 -21.12 -4.31
N ASN A 408 -46.45 -20.27 -4.01
CA ASN A 408 -45.54 -20.52 -2.90
C ASN A 408 -46.24 -20.36 -1.56
N GLU A 409 -45.98 -21.29 -0.65
CA GLU A 409 -46.62 -21.27 0.67
C GLU A 409 -46.28 -20.00 1.43
N ASP A 410 -44.99 -19.67 1.54
CA ASP A 410 -44.59 -18.49 2.30
C ASP A 410 -45.11 -17.21 1.66
N ILE A 411 -45.36 -17.21 0.36
CA ILE A 411 -45.81 -16.00 -0.32
C ILE A 411 -47.29 -15.75 -0.05
N TYR A 412 -48.14 -16.76 -0.29
CA TYR A 412 -49.57 -16.54 -0.10
C TYR A 412 -49.95 -16.50 1.37
N LYS A 413 -49.18 -17.19 2.23
CA LYS A 413 -49.43 -17.10 3.67
C LYS A 413 -49.12 -15.72 4.19
N LEU A 414 -48.00 -15.13 3.75
CA LEU A 414 -47.64 -13.78 4.19
C LEU A 414 -48.56 -12.73 3.57
N ALA A 415 -48.96 -12.93 2.31
CA ALA A 415 -49.85 -11.98 1.66
C ALA A 415 -51.17 -11.85 2.40
N TYR A 416 -51.75 -12.98 2.83
CA TYR A 416 -52.95 -12.93 3.66
C TYR A 416 -52.67 -12.27 5.00
N GLU A 417 -51.54 -12.61 5.62
CA GLU A 417 -51.21 -12.06 6.93
C GLU A 417 -50.99 -10.56 6.88
N ILE A 418 -50.31 -10.07 5.83
CA ILE A 418 -50.12 -8.63 5.67
C ILE A 418 -51.46 -7.93 5.54
N ILE A 419 -52.38 -8.52 4.78
CA ILE A 419 -53.69 -7.89 4.56
C ILE A 419 -54.54 -7.98 5.82
N ASP A 420 -54.40 -9.04 6.61
CA ASP A 420 -55.18 -9.13 7.85
C ASP A 420 -54.78 -8.05 8.82
N GLN A 421 -53.48 -7.76 8.93
CA GLN A 421 -53.00 -6.85 9.97
C GLN A 421 -53.09 -5.38 9.56
N PHE A 422 -53.01 -5.07 8.26
CA PHE A 422 -53.02 -3.69 7.81
C PHE A 422 -54.05 -3.37 6.73
N PHE A 423 -54.84 -4.34 6.29
CA PHE A 423 -55.87 -4.08 5.29
C PHE A 423 -57.16 -4.84 5.58
N ASP B 2 -25.92 -11.70 14.59
CA ASP B 2 -25.98 -12.76 13.58
C ASP B 2 -26.46 -12.19 12.25
N ARG B 3 -25.52 -11.96 11.33
CA ARG B 3 -25.80 -11.30 10.07
C ARG B 3 -26.02 -12.33 8.97
N VAL B 4 -26.79 -11.94 7.96
CA VAL B 4 -27.09 -12.78 6.81
C VAL B 4 -26.54 -12.07 5.58
N LYS B 5 -25.33 -12.44 5.18
CA LYS B 5 -24.69 -11.90 3.99
C LYS B 5 -24.77 -12.91 2.84
N ARG B 6 -24.84 -12.40 1.62
CA ARG B 6 -24.92 -13.30 0.48
C ARG B 6 -23.63 -13.27 -0.32
N PRO B 7 -23.20 -14.40 -0.90
CA PRO B 7 -23.85 -15.71 -0.86
C PRO B 7 -23.81 -16.38 0.52
N MET B 8 -24.92 -17.02 0.89
CA MET B 8 -25.08 -17.56 2.23
C MET B 8 -24.32 -18.88 2.38
N ASN B 9 -23.85 -19.13 3.60
CA ASN B 9 -23.23 -20.41 3.92
C ASN B 9 -24.30 -21.40 4.37
N ALA B 10 -23.86 -22.62 4.70
CA ALA B 10 -24.81 -23.68 5.05
C ALA B 10 -25.69 -23.29 6.22
N PHE B 11 -25.10 -22.67 7.26
CA PHE B 11 -25.89 -22.26 8.42
C PHE B 11 -26.92 -21.20 8.06
N MET B 12 -26.53 -20.23 7.22
CA MET B 12 -27.43 -19.14 6.89
C MET B 12 -28.65 -19.62 6.10
N VAL B 13 -28.44 -20.50 5.12
CA VAL B 13 -29.58 -21.02 4.35
C VAL B 13 -30.48 -21.86 5.25
N TRP B 14 -29.89 -22.62 6.17
CA TRP B 14 -30.69 -23.39 7.12
C TRP B 14 -31.46 -22.47 8.07
N SER B 15 -30.80 -21.43 8.56
CA SER B 15 -31.47 -20.49 9.46
C SER B 15 -32.62 -19.77 8.77
N ARG B 16 -32.52 -19.58 7.45
CA ARG B 16 -33.54 -18.82 6.73
C ARG B 16 -34.91 -19.49 6.88
N GLY B 17 -34.97 -20.81 6.72
CA GLY B 17 -36.23 -21.51 6.91
C GLY B 17 -36.65 -21.57 8.36
N GLN B 18 -35.70 -21.90 9.25
CA GLN B 18 -36.02 -22.03 10.66
C GLN B 18 -36.43 -20.71 11.29
N ARG B 19 -35.88 -19.59 10.81
CA ARG B 19 -36.21 -18.29 11.40
C ARG B 19 -37.70 -18.01 11.32
N ARG B 20 -38.30 -18.20 10.15
CA ARG B 20 -39.70 -17.87 9.95
C ARG B 20 -40.60 -18.74 10.82
N LYS B 21 -40.35 -20.05 10.82
CA LYS B 21 -41.14 -20.97 11.65
C LYS B 21 -41.03 -20.57 13.12
N MET B 22 -39.81 -20.36 13.60
CA MET B 22 -39.61 -20.02 15.01
C MET B 22 -40.29 -18.71 15.38
N ALA B 23 -40.36 -17.75 14.45
CA ALA B 23 -41.06 -16.50 14.72
C ALA B 23 -42.55 -16.72 14.90
N GLN B 24 -43.15 -17.55 14.05
CA GLN B 24 -44.60 -17.79 14.16
C GLN B 24 -44.93 -18.60 15.41
N GLU B 25 -44.14 -19.64 15.69
CA GLU B 25 -44.43 -20.50 16.83
C GLU B 25 -44.24 -19.76 18.16
N ASN B 26 -43.37 -18.75 18.19
CA ASN B 26 -43.10 -17.99 19.41
C ASN B 26 -43.08 -16.50 19.08
N PRO B 27 -44.24 -15.89 18.88
CA PRO B 27 -44.27 -14.46 18.53
C PRO B 27 -43.73 -13.54 19.61
N LYS B 28 -43.65 -14.01 20.85
CA LYS B 28 -43.15 -13.22 21.97
C LYS B 28 -41.65 -13.38 22.18
N MET B 29 -40.92 -13.85 21.17
CA MET B 29 -39.49 -14.05 21.24
C MET B 29 -38.80 -13.02 20.34
N HIS B 30 -37.76 -12.38 20.87
CA HIS B 30 -37.06 -11.33 20.13
C HIS B 30 -36.10 -11.94 19.10
N ASN B 31 -35.77 -11.11 18.10
CA ASN B 31 -34.94 -11.58 17.00
C ASN B 31 -33.56 -12.00 17.47
N SER B 32 -33.03 -11.35 18.52
CA SER B 32 -31.72 -11.72 19.05
C SER B 32 -31.75 -13.11 19.67
N GLU B 33 -32.81 -13.44 20.41
CA GLU B 33 -32.91 -14.76 21.02
C GLU B 33 -33.14 -15.85 19.99
N ILE B 34 -33.82 -15.53 18.89
CA ILE B 34 -34.02 -16.51 17.83
C ILE B 34 -32.69 -16.86 17.16
N SER B 35 -31.85 -15.85 16.93
CA SER B 35 -30.54 -16.11 16.34
C SER B 35 -29.66 -16.94 17.27
N LYS B 36 -29.70 -16.64 18.57
CA LYS B 36 -28.89 -17.37 19.53
C LYS B 36 -29.27 -18.86 19.55
N ARG B 37 -30.57 -19.14 19.59
CA ARG B 37 -31.01 -20.53 19.66
C ARG B 37 -30.76 -21.26 18.35
N LEU B 38 -30.97 -20.59 17.21
CA LEU B 38 -30.69 -21.22 15.92
C LEU B 38 -29.21 -21.57 15.79
N GLY B 39 -28.33 -20.67 16.24
CA GLY B 39 -26.90 -20.97 16.20
C GLY B 39 -26.53 -22.16 17.05
N ALA B 40 -27.18 -22.31 18.21
CA ALA B 40 -26.91 -23.44 19.08
C ALA B 40 -27.52 -24.73 18.53
N GLU B 41 -28.77 -24.67 18.05
CA GLU B 41 -29.42 -25.85 17.53
C GLU B 41 -28.73 -26.38 16.27
N TRP B 42 -28.01 -25.51 15.54
CA TRP B 42 -27.22 -25.96 14.41
C TRP B 42 -26.15 -26.95 14.82
N LYS B 43 -25.62 -26.82 16.05
CA LYS B 43 -24.55 -27.70 16.52
C LYS B 43 -25.03 -29.12 16.74
N LEU B 44 -26.34 -29.33 16.91
CA LEU B 44 -26.87 -30.66 17.16
C LEU B 44 -27.08 -31.47 15.88
N LEU B 45 -27.14 -30.82 14.72
CA LEU B 45 -27.43 -31.51 13.48
C LEU B 45 -26.29 -32.44 13.08
N SER B 46 -26.64 -33.62 12.57
CA SER B 46 -25.67 -34.55 12.06
C SER B 46 -25.22 -34.14 10.65
N GLU B 47 -24.18 -34.82 10.16
CA GLU B 47 -23.65 -34.51 8.85
C GLU B 47 -24.69 -34.75 7.76
N THR B 48 -25.52 -35.79 7.91
CA THR B 48 -26.55 -36.07 6.92
C THR B 48 -27.61 -34.97 6.90
N GLU B 49 -27.95 -34.42 8.07
CA GLU B 49 -28.94 -33.35 8.11
C GLU B 49 -28.38 -32.03 7.61
N LYS B 50 -27.06 -31.83 7.74
CA LYS B 50 -26.43 -30.61 7.25
C LYS B 50 -26.14 -30.65 5.76
N ARG B 51 -25.99 -31.85 5.18
CA ARG B 51 -25.56 -31.99 3.80
C ARG B 51 -26.42 -31.23 2.79
N PRO B 52 -27.77 -31.26 2.85
CA PRO B 52 -28.54 -30.47 1.87
C PRO B 52 -28.21 -28.99 1.91
N PHE B 53 -27.97 -28.43 3.10
CA PHE B 53 -27.65 -27.02 3.21
C PHE B 53 -26.19 -26.74 2.87
N ILE B 54 -25.31 -27.73 3.06
CA ILE B 54 -23.93 -27.59 2.62
C ILE B 54 -23.88 -27.59 1.10
N ASP B 55 -24.66 -28.46 0.45
CA ASP B 55 -24.67 -28.51 -1.01
C ASP B 55 -25.28 -27.25 -1.59
N GLU B 56 -26.31 -26.70 -0.93
CA GLU B 56 -26.91 -25.45 -1.39
C GLU B 56 -25.93 -24.29 -1.28
N ALA B 57 -25.18 -24.23 -0.17
CA ALA B 57 -24.19 -23.16 -0.01
C ALA B 57 -23.10 -23.28 -1.06
N LYS B 58 -22.64 -24.50 -1.35
CA LYS B 58 -21.68 -24.70 -2.43
C LYS B 58 -22.28 -24.28 -3.77
N ARG B 59 -23.56 -24.60 -3.98
CA ARG B 59 -24.22 -24.22 -5.23
C ARG B 59 -24.31 -22.69 -5.36
N LEU B 60 -24.71 -22.01 -4.29
CA LEU B 60 -24.75 -20.55 -4.32
C LEU B 60 -23.36 -19.97 -4.52
N ARG B 61 -22.33 -20.61 -3.95
CA ARG B 61 -20.96 -20.11 -4.11
C ARG B 61 -20.48 -20.28 -5.55
N ALA B 62 -20.78 -21.42 -6.16
CA ALA B 62 -20.36 -21.65 -7.54
C ALA B 62 -21.01 -20.64 -8.49
N LEU B 63 -22.30 -20.36 -8.30
CA LEU B 63 -22.97 -19.37 -9.13
C LEU B 63 -22.39 -17.98 -8.91
N HIS B 64 -22.07 -17.65 -7.66
CA HIS B 64 -21.51 -16.33 -7.36
C HIS B 64 -20.19 -16.11 -8.08
N MET B 65 -19.39 -17.17 -8.26
CA MET B 65 -18.12 -17.04 -8.95
C MET B 65 -18.31 -17.01 -10.46
N LYS B 66 -19.23 -17.81 -10.99
CA LYS B 66 -19.52 -17.78 -12.42
C LYS B 66 -20.14 -16.46 -12.84
N GLU B 67 -20.84 -15.77 -11.93
CA GLU B 67 -21.44 -14.47 -12.22
C GLU B 67 -20.46 -13.33 -11.98
N HIS B 68 -19.19 -13.62 -11.82
CA HIS B 68 -18.17 -12.58 -11.75
C HIS B 68 -18.17 -11.79 -13.05
N PRO B 69 -18.18 -10.45 -12.99
CA PRO B 69 -18.24 -9.66 -14.24
C PRO B 69 -17.18 -10.02 -15.26
N ASP B 70 -15.96 -10.34 -14.82
CA ASP B 70 -14.87 -10.73 -15.71
C ASP B 70 -14.50 -12.20 -15.52
N TYR B 71 -15.52 -13.05 -15.37
CA TYR B 71 -15.29 -14.48 -15.17
C TYR B 71 -14.44 -15.09 -16.29
N LYS B 72 -14.70 -14.71 -17.55
CA LYS B 72 -13.93 -15.27 -18.65
C LYS B 72 -12.44 -14.91 -18.56
N TYR B 73 -12.12 -13.73 -18.03
CA TYR B 73 -10.74 -13.28 -17.94
C TYR B 73 -10.10 -13.63 -16.59
N ARG B 74 -10.64 -14.62 -15.89
CA ARG B 74 -10.05 -15.03 -14.63
C ARG B 74 -8.73 -15.74 -14.85
N PRO B 75 -7.82 -15.68 -13.89
CA PRO B 75 -6.61 -16.52 -13.97
C PRO B 75 -6.96 -17.99 -13.81
N ARG B 76 -6.40 -18.82 -14.69
CA ARG B 76 -6.72 -20.24 -14.69
C ARG B 76 -5.78 -20.98 -13.73
N ARG B 77 -6.23 -22.17 -13.32
CA ARG B 77 -5.44 -22.96 -12.37
C ARG B 77 -4.22 -23.58 -13.04
N LYS B 78 -4.35 -23.97 -14.30
CA LYS B 78 -3.25 -24.60 -15.03
C LYS B 78 -3.10 -23.96 -16.40
N THR B 79 -1.86 -23.76 -16.82
CA THR B 79 -1.55 -23.16 -18.11
C THR B 79 -0.43 -23.94 -18.77
N LYS B 80 -0.43 -23.91 -20.10
CA LYS B 80 0.58 -24.60 -20.89
C LYS B 80 1.63 -23.62 -21.39
N THR B 81 2.86 -24.11 -21.52
CA THR B 81 3.95 -23.34 -22.13
C THR B 81 3.99 -23.74 -23.60
N LEU B 82 3.33 -22.97 -24.44
CA LEU B 82 3.18 -23.33 -25.85
C LEU B 82 4.28 -22.70 -26.69
N MET B 83 4.41 -23.19 -27.90
CA MET B 83 5.40 -22.67 -28.85
C MET B 83 4.72 -21.68 -29.77
N ASN C 8 -6.90 51.98 6.01
CA ASN C 8 -7.22 53.15 5.20
C ASN C 8 -8.72 53.41 5.18
N THR C 9 -9.12 54.54 4.57
CA THR C 9 -10.53 54.89 4.49
C THR C 9 -11.30 53.96 3.55
N SER C 10 -10.64 53.43 2.52
CA SER C 10 -11.33 52.57 1.56
C SER C 10 -11.56 51.19 2.15
N LEU C 11 -10.69 50.75 3.05
CA LEU C 11 -10.92 49.49 3.74
C LEU C 11 -12.17 49.58 4.62
N GLU C 12 -12.42 50.74 5.21
CA GLU C 12 -13.63 50.96 5.99
C GLU C 12 -14.88 50.75 5.15
N ALA C 13 -14.89 51.33 3.94
CA ALA C 13 -16.02 51.16 3.04
C ALA C 13 -16.17 49.71 2.59
N ILE C 14 -15.05 49.04 2.34
CA ILE C 14 -15.09 47.63 1.95
C ILE C 14 -15.72 46.78 3.06
N VAL C 15 -15.25 46.95 4.29
CA VAL C 15 -15.76 46.17 5.40
C VAL C 15 -17.24 46.43 5.61
N GLN C 16 -17.67 47.69 5.50
CA GLN C 16 -19.07 48.01 5.72
C GLN C 16 -19.94 47.51 4.58
N ASN C 17 -19.46 47.60 3.34
CA ASN C 17 -20.23 47.12 2.20
C ASN C 17 -20.33 45.61 2.17
N ALA C 18 -19.34 44.90 2.70
CA ALA C 18 -19.36 43.44 2.69
C ALA C 18 -20.44 42.85 3.59
N SER C 19 -20.97 43.64 4.53
CA SER C 19 -22.06 43.20 5.39
C SER C 19 -23.41 43.69 4.90
N SER C 20 -23.48 44.30 3.72
CA SER C 20 -24.73 44.85 3.21
C SER C 20 -25.71 43.74 2.84
N ASP C 21 -27.00 44.07 2.92
CA ASP C 21 -28.06 43.18 2.48
C ASP C 21 -28.25 43.21 0.97
N ASN C 22 -27.62 44.16 0.28
CA ASN C 22 -27.67 44.21 -1.17
C ASN C 22 -26.63 43.24 -1.73
N GLN C 23 -27.07 42.32 -2.58
CA GLN C 23 -26.17 41.29 -3.10
C GLN C 23 -25.07 41.89 -3.96
N GLY C 24 -25.41 42.90 -4.78
CA GLY C 24 -24.39 43.52 -5.60
C GLY C 24 -23.34 44.24 -4.78
N ILE C 25 -23.76 44.99 -3.76
CA ILE C 25 -22.81 45.71 -2.91
C ILE C 25 -21.92 44.74 -2.15
N GLN C 26 -22.51 43.65 -1.64
CA GLN C 26 -21.73 42.68 -0.87
C GLN C 26 -20.69 42.01 -1.74
N LEU C 27 -21.09 41.51 -2.92
CA LEU C 27 -20.16 40.82 -3.81
C LEU C 27 -19.01 41.73 -4.21
N SER C 28 -19.32 42.97 -4.58
CA SER C 28 -18.28 43.91 -4.99
C SER C 28 -17.32 44.20 -3.84
N ALA C 29 -17.81 44.20 -2.60
CA ALA C 29 -16.94 44.48 -1.47
C ALA C 29 -16.02 43.31 -1.16
N VAL C 30 -16.57 42.09 -1.12
CA VAL C 30 -15.74 40.90 -0.90
C VAL C 30 -14.77 40.71 -2.04
N GLN C 31 -15.23 40.94 -3.28
CA GLN C 31 -14.35 40.86 -4.43
C GLN C 31 -13.22 41.86 -4.35
N ALA C 32 -13.51 43.09 -3.90
CA ALA C 32 -12.47 44.10 -3.75
C ALA C 32 -11.44 43.67 -2.71
N ALA C 33 -11.90 43.05 -1.63
CA ALA C 33 -10.98 42.55 -0.61
C ALA C 33 -10.09 41.46 -1.17
N ARG C 34 -10.66 40.54 -1.95
CA ARG C 34 -9.87 39.48 -2.55
C ARG C 34 -8.80 40.04 -3.48
N LYS C 35 -9.19 41.01 -4.32
CA LYS C 35 -8.22 41.58 -5.26
C LYS C 35 -7.09 42.31 -4.53
N LEU C 36 -7.41 42.97 -3.41
CA LEU C 36 -6.36 43.59 -2.60
C LEU C 36 -5.40 42.54 -2.05
N LEU C 37 -5.89 41.34 -1.75
CA LEU C 37 -5.08 40.30 -1.13
C LEU C 37 -4.39 39.39 -2.14
N SER C 38 -4.72 39.49 -3.43
CA SER C 38 -4.21 38.55 -4.42
C SER C 38 -3.67 39.24 -5.67
N SER C 39 -3.39 40.54 -5.61
CA SER C 39 -2.87 41.25 -6.77
C SER C 39 -1.35 41.26 -6.83
N ASP C 40 -0.67 40.99 -5.72
CA ASP C 40 0.79 40.92 -5.70
C ASP C 40 1.19 40.06 -4.50
N ARG C 41 2.51 39.88 -4.35
CA ARG C 41 3.05 39.03 -3.30
C ARG C 41 3.31 39.80 -2.00
N ASN C 42 2.87 41.05 -1.89
CA ASN C 42 3.00 41.84 -0.67
C ASN C 42 1.68 42.54 -0.38
N PRO C 43 0.63 41.78 -0.04
CA PRO C 43 -0.68 42.39 0.16
C PRO C 43 -0.79 43.02 1.54
N PRO C 44 -1.83 43.84 1.77
CA PRO C 44 -2.00 44.49 3.09
C PRO C 44 -2.83 43.63 4.05
N ILE C 45 -2.23 42.51 4.50
CA ILE C 45 -2.96 41.56 5.33
C ILE C 45 -3.29 42.18 6.69
N ASP C 46 -2.31 42.84 7.31
CA ASP C 46 -2.53 43.40 8.64
C ASP C 46 -3.62 44.46 8.62
N ASP C 47 -3.58 45.36 7.64
CA ASP C 47 -4.57 46.43 7.56
C ASP C 47 -5.98 45.87 7.40
N LEU C 48 -6.14 44.80 6.63
CA LEU C 48 -7.46 44.21 6.44
C LEU C 48 -7.93 43.43 7.65
N ILE C 49 -7.00 42.81 8.39
CA ILE C 49 -7.37 42.15 9.64
C ILE C 49 -7.85 43.18 10.67
N LYS C 50 -7.07 44.24 10.87
CA LYS C 50 -7.44 45.26 11.84
C LYS C 50 -8.72 45.98 11.44
N SER C 51 -9.04 46.02 10.15
CA SER C 51 -10.27 46.65 9.69
C SER C 51 -11.52 45.84 10.02
N GLY C 52 -11.36 44.62 10.53
CA GLY C 52 -12.49 43.81 10.91
C GLY C 52 -13.08 42.98 9.80
N ILE C 53 -12.27 42.50 8.86
CA ILE C 53 -12.79 41.74 7.73
C ILE C 53 -12.86 40.24 8.01
N LEU C 54 -12.16 39.75 9.03
CA LEU C 54 -12.17 38.32 9.31
C LEU C 54 -13.56 37.77 9.61
N PRO C 55 -14.36 38.37 10.51
CA PRO C 55 -15.70 37.80 10.75
C PRO C 55 -16.60 37.81 9.53
N ILE C 56 -16.42 38.75 8.60
CA ILE C 56 -17.26 38.80 7.41
C ILE C 56 -16.86 37.70 6.43
N LEU C 57 -15.56 37.54 6.19
CA LEU C 57 -15.09 36.46 5.32
C LEU C 57 -15.49 35.10 5.87
N VAL C 58 -15.35 34.91 7.19
CA VAL C 58 -15.77 33.66 7.81
C VAL C 58 -17.25 33.42 7.59
N HIS C 59 -18.07 34.47 7.75
CA HIS C 59 -19.50 34.33 7.51
C HIS C 59 -19.79 33.98 6.06
N CYS C 60 -19.03 34.53 5.12
CA CYS C 60 -19.26 34.23 3.71
C CYS C 60 -19.07 32.75 3.41
N LEU C 61 -18.19 32.08 4.15
CA LEU C 61 -17.98 30.65 3.94
C LEU C 61 -19.25 29.84 4.22
N GLU C 62 -20.13 30.37 5.07
CA GLU C 62 -21.36 29.68 5.45
C GLU C 62 -22.45 29.81 4.39
N ARG C 63 -22.26 30.68 3.39
CA ARG C 63 -23.31 31.01 2.42
C ARG C 63 -23.39 29.93 1.35
N ASP C 64 -24.02 28.81 1.71
CA ASP C 64 -24.24 27.74 0.74
C ASP C 64 -25.06 28.21 -0.45
N ASP C 65 -25.89 29.24 -0.24
CA ASP C 65 -26.72 29.75 -1.32
C ASP C 65 -25.94 30.54 -2.37
N ASN C 66 -24.71 30.95 -2.04
CA ASN C 66 -23.89 31.78 -2.94
C ASN C 66 -22.49 31.19 -3.02
N PRO C 67 -22.29 30.17 -3.87
CA PRO C 67 -20.94 29.61 -4.03
C PRO C 67 -19.93 30.60 -4.55
N SER C 68 -20.38 31.63 -5.30
CA SER C 68 -19.47 32.66 -5.74
C SER C 68 -18.93 33.47 -4.55
N LEU C 69 -19.79 33.73 -3.57
CA LEU C 69 -19.34 34.47 -2.39
C LEU C 69 -18.45 33.61 -1.50
N GLN C 70 -18.77 32.31 -1.40
CA GLN C 70 -17.90 31.39 -0.69
C GLN C 70 -16.52 31.34 -1.33
N PHE C 71 -16.48 31.26 -2.67
CA PHE C 71 -15.21 31.20 -3.38
C PHE C 71 -14.37 32.44 -3.13
N GLU C 72 -14.98 33.63 -3.26
CA GLU C 72 -14.25 34.88 -3.05
C GLU C 72 -13.69 34.96 -1.64
N ALA C 73 -14.44 34.50 -0.64
CA ALA C 73 -13.97 34.58 0.74
C ALA C 73 -12.87 33.56 1.00
N ALA C 74 -13.02 32.35 0.50
CA ALA C 74 -11.96 31.35 0.64
C ALA C 74 -10.68 31.82 -0.04
N TRP C 75 -10.81 32.47 -1.20
CA TRP C 75 -9.65 33.03 -1.88
C TRP C 75 -8.98 34.09 -1.02
N ALA C 76 -9.76 34.99 -0.45
CA ALA C 76 -9.21 36.01 0.44
C ALA C 76 -8.56 35.38 1.67
N LEU C 77 -9.24 34.42 2.29
CA LEU C 77 -8.71 33.78 3.48
C LEU C 77 -7.47 32.94 3.18
N THR C 78 -7.41 32.33 1.99
CA THR C 78 -6.22 31.58 1.59
C THR C 78 -4.98 32.46 1.65
N ASN C 79 -5.07 33.67 1.09
CA ASN C 79 -3.90 34.54 1.01
C ASN C 79 -3.58 35.20 2.35
N ILE C 80 -4.58 35.39 3.21
CA ILE C 80 -4.28 35.83 4.57
C ILE C 80 -3.51 34.75 5.32
N ALA C 81 -3.91 33.49 5.17
CA ALA C 81 -3.23 32.38 5.82
C ALA C 81 -1.86 32.11 5.22
N SER C 82 -1.57 32.63 4.03
CA SER C 82 -0.27 32.43 3.39
C SER C 82 0.83 33.29 4.00
N GLY C 83 0.51 34.14 4.98
CA GLY C 83 1.49 35.05 5.54
C GLY C 83 2.24 34.48 6.72
N THR C 84 2.41 35.29 7.76
CA THR C 84 3.13 34.87 8.95
C THR C 84 2.24 33.96 9.81
N SER C 85 2.86 33.33 10.81
CA SER C 85 2.11 32.49 11.74
C SER C 85 1.04 33.28 12.47
N GLU C 86 1.30 34.56 12.77
CA GLU C 86 0.30 35.40 13.42
C GLU C 86 -0.91 35.59 12.51
N GLN C 87 -0.67 35.78 11.22
CA GLN C 87 -1.78 35.96 10.28
C GLN C 87 -2.48 34.65 9.98
N THR C 88 -1.74 33.54 9.91
CA THR C 88 -2.37 32.24 9.79
C THR C 88 -3.21 31.93 11.02
N GLN C 89 -2.70 32.23 12.22
CA GLN C 89 -3.46 32.03 13.45
C GLN C 89 -4.72 32.89 13.46
N ALA C 90 -4.66 34.08 12.87
CA ALA C 90 -5.84 34.93 12.79
C ALA C 90 -6.98 34.21 12.08
N VAL C 91 -6.67 33.47 11.02
CA VAL C 91 -7.68 32.67 10.34
C VAL C 91 -8.14 31.52 11.24
N VAL C 92 -7.20 30.85 11.90
CA VAL C 92 -7.55 29.73 12.76
C VAL C 92 -8.38 30.20 13.95
N GLN C 93 -7.98 31.31 14.58
CA GLN C 93 -8.72 31.83 15.71
C GLN C 93 -10.07 32.41 15.32
N SER C 94 -10.32 32.63 14.04
CA SER C 94 -11.66 32.99 13.58
C SER C 94 -12.57 31.77 13.40
N ASN C 95 -12.08 30.59 13.74
CA ASN C 95 -12.84 29.34 13.61
C ASN C 95 -13.25 29.09 12.15
N ALA C 96 -12.34 29.39 11.23
CA ALA C 96 -12.61 29.20 9.81
C ALA C 96 -12.40 27.76 9.36
N VAL C 97 -11.54 27.01 10.06
CA VAL C 97 -11.21 25.65 9.62
C VAL C 97 -12.42 24.74 9.55
N PRO C 98 -13.32 24.70 10.54
CA PRO C 98 -14.52 23.86 10.40
C PRO C 98 -15.35 24.22 9.17
N LEU C 99 -15.37 25.49 8.77
CA LEU C 99 -16.13 25.87 7.59
C LEU C 99 -15.40 25.47 6.31
N PHE C 100 -14.07 25.57 6.29
CA PHE C 100 -13.30 25.05 5.15
C PHE C 100 -13.53 23.55 4.98
N LEU C 101 -13.56 22.81 6.09
CA LEU C 101 -13.81 21.38 6.01
C LEU C 101 -15.19 21.08 5.49
N ARG C 102 -16.17 21.90 5.88
CA ARG C 102 -17.52 21.76 5.33
C ARG C 102 -17.51 22.01 3.83
N LEU C 103 -16.71 22.98 3.37
CA LEU C 103 -16.64 23.30 1.96
C LEU C 103 -15.95 22.22 1.13
N LEU C 104 -15.24 21.30 1.77
CA LEU C 104 -14.66 20.18 1.03
C LEU C 104 -15.74 19.27 0.45
N HIS C 105 -16.96 19.35 0.97
CA HIS C 105 -18.09 18.59 0.46
C HIS C 105 -18.99 19.42 -0.44
N SER C 106 -18.57 20.63 -0.78
CA SER C 106 -19.38 21.48 -1.65
C SER C 106 -19.47 20.85 -3.04
N PRO C 107 -20.63 20.93 -3.70
CA PRO C 107 -20.74 20.40 -5.06
C PRO C 107 -20.08 21.27 -6.11
N HIS C 108 -19.59 22.46 -5.74
CA HIS C 108 -18.98 23.39 -6.67
C HIS C 108 -17.47 23.26 -6.56
N GLN C 109 -16.82 22.85 -7.66
CA GLN C 109 -15.42 22.46 -7.61
C GLN C 109 -14.53 23.62 -7.17
N ASN C 110 -14.76 24.82 -7.71
CA ASN C 110 -13.89 25.96 -7.38
C ASN C 110 -13.95 26.29 -5.90
N VAL C 111 -15.08 26.03 -5.24
CA VAL C 111 -15.16 26.24 -3.80
C VAL C 111 -14.33 25.20 -3.06
N CYS C 112 -14.40 23.94 -3.50
CA CYS C 112 -13.59 22.88 -2.91
C CYS C 112 -12.10 23.18 -3.05
N GLU C 113 -11.64 23.44 -4.28
CA GLU C 113 -10.22 23.66 -4.53
C GLU C 113 -9.67 24.79 -3.65
N GLN C 114 -10.41 25.89 -3.56
CA GLN C 114 -9.94 27.03 -2.77
C GLN C 114 -9.91 26.69 -1.28
N ALA C 115 -10.89 25.90 -0.81
CA ALA C 115 -10.87 25.45 0.57
C ALA C 115 -9.67 24.55 0.83
N VAL C 116 -9.37 23.64 -0.11
CA VAL C 116 -8.17 22.81 0.00
C VAL C 116 -6.92 23.68 0.14
N TRP C 117 -6.82 24.69 -0.72
CA TRP C 117 -5.65 25.57 -0.71
C TRP C 117 -5.53 26.30 0.63
N ALA C 118 -6.64 26.85 1.12
CA ALA C 118 -6.63 27.54 2.41
C ALA C 118 -6.22 26.60 3.53
N LEU C 119 -6.77 25.39 3.54
CA LEU C 119 -6.40 24.42 4.56
C LEU C 119 -4.92 24.03 4.46
N GLY C 120 -4.37 24.01 3.25
CA GLY C 120 -2.96 23.70 3.09
C GLY C 120 -2.06 24.72 3.76
N ASN C 121 -2.37 26.01 3.60
CA ASN C 121 -1.57 27.04 4.24
C ASN C 121 -1.64 26.95 5.76
N ILE C 122 -2.80 26.56 6.29
CA ILE C 122 -2.96 26.41 7.73
C ILE C 122 -2.17 25.21 8.22
N ILE C 123 -2.28 24.08 7.52
CA ILE C 123 -1.55 22.87 7.92
C ILE C 123 -0.04 23.13 7.88
N GLY C 124 0.42 23.91 6.90
CA GLY C 124 1.84 24.17 6.76
C GLY C 124 2.43 25.11 7.80
N ASP C 125 1.59 25.70 8.66
CA ASP C 125 2.11 26.63 9.66
C ASP C 125 2.97 25.92 10.69
N GLY C 126 2.55 24.73 11.13
CA GLY C 126 3.30 23.99 12.11
C GLY C 126 2.59 22.74 12.57
N PRO C 127 3.23 21.98 13.48
CA PRO C 127 2.62 20.72 13.93
C PRO C 127 1.32 20.92 14.71
N GLN C 128 1.18 22.04 15.43
CA GLN C 128 -0.04 22.29 16.18
C GLN C 128 -1.24 22.47 15.25
N CYS C 129 -1.12 23.39 14.29
CA CYS C 129 -2.19 23.59 13.32
C CYS C 129 -2.44 22.33 12.51
N ARG C 130 -1.37 21.64 12.11
CA ARG C 130 -1.51 20.39 11.37
C ARG C 130 -2.35 19.39 12.14
N ASP C 131 -2.00 19.14 13.41
CA ASP C 131 -2.75 18.18 14.20
C ASP C 131 -4.16 18.67 14.51
N TYR C 132 -4.33 19.99 14.67
CA TYR C 132 -5.66 20.56 14.84
C TYR C 132 -6.55 20.26 13.64
N VAL C 133 -6.04 20.52 12.43
CA VAL C 133 -6.83 20.28 11.23
C VAL C 133 -7.02 18.78 11.00
N ILE C 134 -6.00 17.98 11.35
CA ILE C 134 -6.14 16.52 11.27
C ILE C 134 -7.28 16.05 12.17
N SER C 135 -7.30 16.53 13.42
CA SER C 135 -8.28 16.06 14.38
C SER C 135 -9.70 16.42 13.98
N LEU C 136 -9.89 17.50 13.24
CA LEU C 136 -11.21 17.85 12.73
C LEU C 136 -11.62 17.01 11.54
N GLY C 137 -10.70 16.30 10.90
CA GLY C 137 -11.07 15.33 9.88
C GLY C 137 -10.78 15.75 8.45
N VAL C 138 -9.61 16.35 8.21
CA VAL C 138 -9.32 16.85 6.86
C VAL C 138 -8.84 15.75 5.92
N VAL C 139 -8.15 14.73 6.44
CA VAL C 139 -7.43 13.80 5.57
C VAL C 139 -8.40 12.98 4.73
N LYS C 140 -9.45 12.45 5.35
CA LYS C 140 -10.36 11.55 4.64
C LYS C 140 -11.05 12.26 3.47
N PRO C 141 -11.70 13.42 3.62
CA PRO C 141 -12.27 14.09 2.44
C PRO C 141 -11.22 14.59 1.48
N LEU C 142 -10.04 14.99 1.96
CA LEU C 142 -8.98 15.47 1.06
C LEU C 142 -8.55 14.39 0.09
N LEU C 143 -8.30 13.18 0.60
CA LEU C 143 -7.84 12.09 -0.26
C LEU C 143 -8.94 11.58 -1.17
N SER C 144 -10.21 11.80 -0.83
CA SER C 144 -11.31 11.38 -1.70
C SER C 144 -11.29 12.10 -3.04
N PHE C 145 -10.68 13.29 -3.11
CA PHE C 145 -10.57 14.00 -4.38
C PHE C 145 -9.70 13.27 -5.39
N ILE C 146 -8.78 12.40 -4.92
CA ILE C 146 -7.84 11.71 -5.80
C ILE C 146 -8.60 10.65 -6.60
N SER C 147 -8.79 10.92 -7.88
CA SER C 147 -9.44 9.98 -8.79
C SER C 147 -8.86 10.20 -10.17
N PRO C 148 -9.16 9.31 -11.14
CA PRO C 148 -8.71 9.56 -12.51
C PRO C 148 -9.35 10.78 -13.14
N SER C 149 -10.51 11.22 -12.64
CA SER C 149 -11.27 12.32 -13.23
C SER C 149 -11.02 13.65 -12.53
N ILE C 150 -9.89 13.82 -11.87
CA ILE C 150 -9.56 15.04 -11.14
C ILE C 150 -8.71 15.92 -12.05
N PRO C 151 -8.99 17.22 -12.13
CA PRO C 151 -8.11 18.13 -12.89
C PRO C 151 -6.68 18.10 -12.36
N ILE C 152 -5.73 18.14 -13.30
CA ILE C 152 -4.31 18.05 -12.93
C ILE C 152 -3.93 19.18 -11.98
N THR C 153 -4.46 20.39 -12.21
CA THR C 153 -4.13 21.52 -11.37
C THR C 153 -4.66 21.34 -9.96
N PHE C 154 -5.86 20.76 -9.82
CA PHE C 154 -6.38 20.45 -8.50
C PHE C 154 -5.52 19.40 -7.81
N LEU C 155 -5.21 18.31 -8.51
CA LEU C 155 -4.44 17.23 -7.92
C LEU C 155 -3.06 17.72 -7.48
N ARG C 156 -2.44 18.61 -8.26
CA ARG C 156 -1.18 19.21 -7.83
C ARG C 156 -1.31 19.90 -6.48
N ASN C 157 -2.42 20.63 -6.28
CA ASN C 157 -2.66 21.29 -5.00
C ASN C 157 -2.92 20.27 -3.90
N VAL C 158 -3.68 19.22 -4.21
CA VAL C 158 -3.97 18.18 -3.22
C VAL C 158 -2.69 17.53 -2.72
N THR C 159 -1.79 17.16 -3.65
CA THR C 159 -0.53 16.55 -3.24
C THR C 159 0.30 17.50 -2.40
N TRP C 160 0.27 18.80 -2.73
CA TRP C 160 0.99 19.79 -1.95
C TRP C 160 0.48 19.85 -0.51
N VAL C 161 -0.84 19.75 -0.32
CA VAL C 161 -1.39 19.71 1.03
C VAL C 161 -0.92 18.46 1.74
N MET C 162 -0.85 17.34 1.02
CA MET C 162 -0.34 16.10 1.60
C MET C 162 1.11 16.24 2.03
N VAL C 163 1.91 17.03 1.29
CA VAL C 163 3.28 17.30 1.70
C VAL C 163 3.30 17.99 3.06
N ASN C 164 2.45 19.01 3.25
CA ASN C 164 2.41 19.73 4.51
C ASN C 164 1.90 18.84 5.65
N LEU C 165 1.06 17.85 5.33
CA LEU C 165 0.59 16.93 6.36
C LEU C 165 1.70 16.03 6.89
N CYS C 166 2.80 15.89 6.15
CA CYS C 166 3.91 15.02 6.53
C CYS C 166 5.14 15.77 7.02
N ARG C 167 5.10 17.10 7.06
CA ARG C 167 6.33 17.89 7.04
C ARG C 167 7.07 17.85 8.37
N HIS C 168 6.38 18.21 9.45
CA HIS C 168 7.06 18.50 10.72
C HIS C 168 7.22 17.23 11.55
N LYS C 169 8.33 17.14 12.28
CA LYS C 169 8.70 15.94 13.01
C LYS C 169 8.59 16.09 14.54
N ASP C 170 8.30 17.29 15.04
CA ASP C 170 8.33 17.55 16.48
C ASP C 170 6.97 18.02 16.96
N PRO C 171 5.99 17.09 17.09
CA PRO C 171 6.05 15.65 16.79
C PRO C 171 5.62 15.35 15.36
N PRO C 172 5.88 14.14 14.86
CA PRO C 172 5.40 13.78 13.52
C PRO C 172 3.89 13.64 13.53
N PRO C 173 3.25 13.65 12.35
CA PRO C 173 1.79 13.44 12.30
C PRO C 173 1.42 12.12 12.95
N PRO C 174 0.18 11.99 13.43
CA PRO C 174 -0.23 10.74 14.08
C PRO C 174 -0.07 9.54 13.16
N MET C 175 0.13 8.37 13.78
CA MET C 175 0.29 7.14 13.02
C MET C 175 -0.91 6.89 12.12
N GLU C 176 -2.12 7.05 12.65
CA GLU C 176 -3.32 6.81 11.86
C GLU C 176 -3.36 7.70 10.63
N THR C 177 -2.86 8.94 10.75
CA THR C 177 -2.82 9.83 9.59
C THR C 177 -1.81 9.36 8.56
N ILE C 178 -0.62 8.93 9.01
CA ILE C 178 0.40 8.44 8.09
C ILE C 178 -0.10 7.21 7.34
N GLN C 179 -0.80 6.31 8.04
CA GLN C 179 -1.31 5.10 7.39
C GLN C 179 -2.46 5.40 6.44
N GLU C 180 -3.16 6.51 6.64
CA GLU C 180 -4.19 6.91 5.67
C GLU C 180 -3.57 7.55 4.44
N ILE C 181 -2.46 8.29 4.62
CA ILE C 181 -1.88 9.04 3.51
C ILE C 181 -1.08 8.15 2.59
N LEU C 182 -0.37 7.16 3.14
CA LEU C 182 0.52 6.34 2.32
C LEU C 182 -0.17 5.62 1.16
N PRO C 183 -1.37 5.04 1.31
CA PRO C 183 -2.05 4.51 0.13
C PRO C 183 -2.27 5.53 -0.97
N ALA C 184 -2.50 6.80 -0.60
CA ALA C 184 -2.65 7.83 -1.62
C ALA C 184 -1.31 8.16 -2.26
N LEU C 185 -0.24 8.26 -1.46
CA LEU C 185 1.09 8.50 -2.03
C LEU C 185 1.56 7.33 -2.89
N CYS C 186 1.11 6.11 -2.57
CA CYS C 186 1.45 4.95 -3.40
C CYS C 186 0.85 5.09 -4.79
N VAL C 187 -0.38 5.59 -4.88
CA VAL C 187 -1.02 5.80 -6.18
C VAL C 187 -0.31 6.91 -6.95
N LEU C 188 -0.03 8.02 -6.28
CA LEU C 188 0.51 9.21 -6.94
C LEU C 188 1.95 9.01 -7.40
N ILE C 189 2.68 8.04 -6.86
CA ILE C 189 4.05 7.82 -7.27
C ILE C 189 4.16 7.27 -8.69
N HIS C 190 3.05 6.81 -9.26
CA HIS C 190 3.01 6.38 -10.65
C HIS C 190 2.49 7.46 -11.59
N HIS C 191 2.16 8.65 -11.07
CA HIS C 191 1.63 9.69 -11.91
C HIS C 191 2.68 10.21 -12.88
N THR C 192 2.23 10.62 -14.07
CA THR C 192 3.14 11.08 -15.10
C THR C 192 3.50 12.55 -14.96
N ASP C 193 2.64 13.36 -14.34
CA ASP C 193 2.93 14.76 -14.17
C ASP C 193 4.10 14.93 -13.20
N VAL C 194 5.11 15.68 -13.63
CA VAL C 194 6.34 15.81 -12.84
C VAL C 194 6.05 16.52 -11.52
N ASN C 195 5.16 17.53 -11.55
CA ASN C 195 4.88 18.29 -10.34
C ASN C 195 4.25 17.42 -9.26
N ILE C 196 3.33 16.53 -9.65
CA ILE C 196 2.72 15.62 -8.68
C ILE C 196 3.74 14.60 -8.20
N LEU C 197 4.55 14.07 -9.12
CA LEU C 197 5.53 13.06 -8.75
C LEU C 197 6.59 13.64 -7.81
N VAL C 198 7.10 14.83 -8.12
CA VAL C 198 8.12 15.44 -7.27
C VAL C 198 7.57 15.71 -5.87
N ASP C 199 6.36 16.24 -5.77
CA ASP C 199 5.77 16.50 -4.47
C ASP C 199 5.47 15.20 -3.72
N THR C 200 4.97 14.18 -4.43
CA THR C 200 4.69 12.90 -3.80
C THR C 200 5.95 12.31 -3.18
N VAL C 201 7.08 12.40 -3.88
CA VAL C 201 8.32 11.82 -3.36
C VAL C 201 8.84 12.66 -2.20
N TRP C 202 8.69 13.99 -2.27
CA TRP C 202 9.06 14.84 -1.15
C TRP C 202 8.26 14.48 0.10
N ALA C 203 6.97 14.18 -0.07
CA ALA C 203 6.15 13.74 1.05
C ALA C 203 6.71 12.45 1.67
N LEU C 204 7.15 11.52 0.82
CA LEU C 204 7.78 10.31 1.34
C LEU C 204 9.08 10.63 2.06
N SER C 205 9.86 11.57 1.54
CA SER C 205 11.12 11.93 2.17
C SER C 205 10.91 12.56 3.55
N TYR C 206 9.78 13.26 3.73
CA TYR C 206 9.46 13.79 5.06
C TYR C 206 9.04 12.69 6.00
N LEU C 207 8.28 11.71 5.50
CA LEU C 207 7.88 10.58 6.34
C LEU C 207 9.08 9.73 6.73
N THR C 208 9.97 9.45 5.78
CA THR C 208 11.17 8.67 6.07
C THR C 208 12.18 9.46 6.90
N ASP C 209 12.00 10.78 7.02
CA ASP C 209 12.81 11.60 7.90
C ASP C 209 12.18 11.75 9.28
N ALA C 210 11.06 11.08 9.54
CA ALA C 210 10.32 11.24 10.78
C ALA C 210 10.68 10.23 11.85
N GLY C 211 11.58 9.28 11.57
CA GLY C 211 11.99 8.30 12.55
C GLY C 211 11.87 6.88 12.02
N ASN C 212 12.51 5.97 12.75
CA ASN C 212 12.53 4.57 12.33
C ASN C 212 11.15 3.94 12.38
N GLU C 213 10.28 4.41 13.28
CA GLU C 213 8.91 3.91 13.29
C GLU C 213 8.15 4.34 12.04
N GLN C 214 8.36 5.59 11.60
CA GLN C 214 7.72 6.05 10.38
C GLN C 214 8.36 5.43 9.15
N ILE C 215 9.68 5.22 9.17
CA ILE C 215 10.34 4.49 8.11
C ILE C 215 9.72 3.11 7.93
N GLN C 216 9.36 2.46 9.04
CA GLN C 216 8.77 1.14 8.96
C GLN C 216 7.38 1.18 8.34
N MET C 217 6.62 2.24 8.61
CA MET C 217 5.31 2.39 7.97
C MET C 217 5.46 2.51 6.46
N VAL C 218 6.43 3.32 6.00
CA VAL C 218 6.69 3.45 4.58
C VAL C 218 7.06 2.09 3.97
N ILE C 219 7.93 1.35 4.65
CA ILE C 219 8.32 0.03 4.16
C ILE C 219 7.13 -0.91 4.11
N ASP C 220 6.32 -0.91 5.18
CA ASP C 220 5.17 -1.82 5.25
C ASP C 220 4.11 -1.50 4.21
N SER C 221 4.09 -0.27 3.68
CA SER C 221 3.15 0.05 2.61
C SER C 221 3.46 -0.68 1.32
N GLY C 222 4.70 -1.16 1.16
CA GLY C 222 5.11 -1.84 -0.05
C GLY C 222 5.61 -0.93 -1.16
N ILE C 223 5.86 0.34 -0.87
CA ILE C 223 6.20 1.30 -1.92
C ILE C 223 7.70 1.40 -2.18
N VAL C 224 8.54 0.89 -1.26
CA VAL C 224 9.99 1.03 -1.44
C VAL C 224 10.48 0.43 -2.74
N PRO C 225 10.05 -0.77 -3.17
CA PRO C 225 10.47 -1.25 -4.50
C PRO C 225 10.06 -0.34 -5.64
N HIS C 226 9.09 0.54 -5.45
CA HIS C 226 8.69 1.50 -6.47
C HIS C 226 9.33 2.87 -6.31
N LEU C 227 9.87 3.17 -5.12
CA LEU C 227 10.56 4.43 -4.91
C LEU C 227 12.00 4.38 -5.37
N VAL C 228 12.69 3.27 -5.12
CA VAL C 228 14.11 3.15 -5.48
C VAL C 228 14.35 3.37 -6.97
N PRO C 229 13.59 2.77 -7.89
CA PRO C 229 13.86 3.00 -9.33
C PRO C 229 13.83 4.47 -9.73
N LEU C 230 13.17 5.34 -8.97
CA LEU C 230 13.14 6.76 -9.30
C LEU C 230 14.51 7.42 -9.17
N LEU C 231 15.49 6.73 -8.61
CA LEU C 231 16.86 7.24 -8.60
C LEU C 231 17.41 7.40 -10.01
N SER C 232 16.87 6.67 -10.97
CA SER C 232 17.28 6.75 -12.37
C SER C 232 16.23 7.45 -13.23
N HIS C 233 15.31 8.19 -12.62
CA HIS C 233 14.27 8.87 -13.38
C HIS C 233 14.89 9.92 -14.30
N GLN C 234 14.21 10.19 -15.41
CA GLN C 234 14.73 11.15 -16.38
C GLN C 234 14.77 12.57 -15.81
N GLU C 235 13.81 12.91 -14.95
CA GLU C 235 13.76 14.23 -14.35
C GLU C 235 14.66 14.29 -13.12
N VAL C 236 15.58 15.25 -13.11
CA VAL C 236 16.54 15.36 -12.02
C VAL C 236 15.84 15.69 -10.70
N LYS C 237 14.77 16.48 -10.76
CA LYS C 237 14.04 16.80 -9.53
C LYS C 237 13.41 15.56 -8.90
N VAL C 238 13.04 14.58 -9.72
CA VAL C 238 12.56 13.31 -9.18
C VAL C 238 13.71 12.53 -8.57
N GLN C 239 14.88 12.55 -9.20
CA GLN C 239 16.03 11.81 -8.71
C GLN C 239 16.45 12.27 -7.32
N THR C 240 16.67 13.58 -7.16
CA THR C 240 17.14 14.10 -5.88
C THR C 240 16.09 13.91 -4.80
N ALA C 241 14.82 14.13 -5.12
CA ALA C 241 13.76 13.88 -4.15
C ALA C 241 13.74 12.41 -3.72
N ALA C 242 13.89 11.50 -4.69
CA ALA C 242 13.93 10.08 -4.36
C ALA C 242 15.21 9.72 -3.62
N LEU C 243 16.32 10.39 -3.95
CA LEU C 243 17.59 10.09 -3.29
C LEU C 243 17.55 10.45 -1.82
N ARG C 244 16.97 11.61 -1.49
CA ARG C 244 16.81 11.97 -0.08
C ARG C 244 15.85 11.02 0.63
N ALA C 245 14.76 10.64 -0.05
CA ALA C 245 13.79 9.74 0.56
C ALA C 245 14.42 8.40 0.93
N VAL C 246 15.12 7.78 -0.02
CA VAL C 246 15.79 6.52 0.29
C VAL C 246 16.99 6.76 1.20
N GLY C 247 17.65 7.90 1.07
CA GLY C 247 18.73 8.23 1.99
C GLY C 247 18.27 8.31 3.43
N ASN C 248 17.06 8.83 3.65
CA ASN C 248 16.51 8.86 5.00
C ASN C 248 16.22 7.46 5.53
N ILE C 249 15.82 6.54 4.64
CA ILE C 249 15.50 5.19 5.07
C ILE C 249 16.75 4.46 5.57
N VAL C 250 17.87 4.63 4.88
CA VAL C 250 19.10 3.93 5.26
C VAL C 250 19.78 4.55 6.47
N THR C 251 19.20 5.59 7.05
CA THR C 251 19.60 6.03 8.39
C THR C 251 18.90 5.23 9.49
N GLY C 252 18.07 4.27 9.12
CA GLY C 252 17.38 3.42 10.07
C GLY C 252 18.20 2.21 10.46
N THR C 253 17.50 1.14 10.86
CA THR C 253 18.18 -0.08 11.28
C THR C 253 18.85 -0.76 10.09
N ASP C 254 19.63 -1.80 10.41
CA ASP C 254 20.25 -2.60 9.35
C ASP C 254 19.20 -3.35 8.55
N GLU C 255 18.14 -3.84 9.21
CA GLU C 255 17.08 -4.54 8.50
C GLU C 255 16.34 -3.60 7.55
N GLN C 256 16.09 -2.35 7.99
CA GLN C 256 15.44 -1.39 7.11
C GLN C 256 16.37 -0.96 5.99
N THR C 257 17.67 -0.81 6.29
CA THR C 257 18.65 -0.52 5.26
C THR C 257 18.71 -1.65 4.24
N GLN C 258 18.55 -2.90 4.70
CA GLN C 258 18.64 -4.04 3.79
C GLN C 258 17.48 -4.05 2.79
N VAL C 259 16.30 -3.59 3.20
CA VAL C 259 15.17 -3.51 2.28
C VAL C 259 15.53 -2.64 1.07
N VAL C 260 16.16 -1.50 1.32
CA VAL C 260 16.57 -0.61 0.24
C VAL C 260 17.57 -1.31 -0.69
N LEU C 261 18.55 -2.00 -0.11
CA LEU C 261 19.55 -2.67 -0.92
C LEU C 261 18.94 -3.80 -1.74
N ASN C 262 17.95 -4.51 -1.17
CA ASN C 262 17.27 -5.56 -1.93
C ASN C 262 16.52 -5.00 -3.12
N CYS C 263 16.24 -3.70 -3.13
CA CYS C 263 15.64 -3.04 -4.29
C CYS C 263 16.68 -2.59 -5.31
N ASP C 264 17.93 -3.04 -5.17
CA ASP C 264 19.01 -2.73 -6.11
C ASP C 264 19.27 -1.23 -6.18
N ALA C 265 19.27 -0.58 -5.02
CA ALA C 265 19.50 0.86 -4.97
C ALA C 265 20.88 1.22 -5.51
N LEU C 266 21.89 0.38 -5.22
CA LEU C 266 23.26 0.72 -5.58
C LEU C 266 23.46 0.76 -7.09
N SER C 267 22.65 0.03 -7.85
CA SER C 267 22.75 0.06 -9.31
C SER C 267 22.60 1.45 -9.88
N HIS C 268 21.85 2.33 -9.20
CA HIS C 268 21.56 3.67 -9.68
C HIS C 268 22.61 4.69 -9.29
N PHE C 269 23.64 4.28 -8.54
CA PHE C 269 24.57 5.23 -7.93
C PHE C 269 25.79 5.60 -8.78
N PRO C 270 26.27 4.74 -9.70
CA PRO C 270 27.29 5.22 -10.65
C PRO C 270 26.92 6.54 -11.33
N ALA C 271 25.68 6.67 -11.81
CA ALA C 271 25.26 7.92 -12.43
C ALA C 271 25.21 9.05 -11.43
N LEU C 272 24.81 8.75 -10.18
CA LEU C 272 24.74 9.80 -9.17
C LEU C 272 26.14 10.26 -8.74
N LEU C 273 27.09 9.33 -8.67
CA LEU C 273 28.44 9.69 -8.26
C LEU C 273 29.19 10.47 -9.33
N THR C 274 28.81 10.29 -10.60
CA THR C 274 29.42 11.01 -11.70
C THR C 274 28.56 12.17 -12.21
N HIS C 275 27.50 12.52 -11.49
CA HIS C 275 26.62 13.57 -11.94
C HIS C 275 27.36 14.91 -11.96
N PRO C 276 27.09 15.77 -12.94
CA PRO C 276 27.75 17.09 -12.95
C PRO C 276 27.52 17.89 -11.68
N LYS C 277 26.30 17.89 -11.16
CA LYS C 277 26.01 18.61 -9.93
C LYS C 277 26.80 18.03 -8.77
N GLU C 278 27.61 18.87 -8.12
CA GLU C 278 28.40 18.39 -6.99
C GLU C 278 27.52 18.04 -5.80
N LYS C 279 26.43 18.79 -5.61
CA LYS C 279 25.52 18.51 -4.52
C LYS C 279 24.90 17.13 -4.64
N ILE C 280 24.65 16.66 -5.87
CA ILE C 280 24.15 15.31 -6.07
C ILE C 280 25.23 14.28 -5.75
N ASN C 281 26.49 14.61 -6.05
CA ASN C 281 27.60 13.74 -5.66
C ASN C 281 27.69 13.63 -4.14
N LYS C 282 27.64 14.78 -3.45
CA LYS C 282 27.70 14.78 -1.99
C LYS C 282 26.58 13.95 -1.39
N GLU C 283 25.35 14.10 -1.91
CA GLU C 283 24.23 13.32 -1.40
C GLU C 283 24.45 11.82 -1.62
N ALA C 284 24.92 11.44 -2.81
CA ALA C 284 25.12 10.03 -3.11
C ALA C 284 26.18 9.40 -2.22
N VAL C 285 27.19 10.17 -1.82
CA VAL C 285 28.22 9.63 -0.94
C VAL C 285 27.72 9.57 0.50
N TRP C 286 26.95 10.57 0.92
CA TRP C 286 26.32 10.52 2.24
C TRP C 286 25.44 9.28 2.39
N PHE C 287 24.66 8.97 1.36
CA PHE C 287 23.91 7.71 1.32
C PHE C 287 24.84 6.53 1.57
N LEU C 288 25.90 6.42 0.75
CA LEU C 288 26.79 5.27 0.83
C LEU C 288 27.52 5.22 2.17
N SER C 289 27.79 6.38 2.77
CA SER C 289 28.43 6.38 4.09
C SER C 289 27.55 5.70 5.14
N ASN C 290 26.24 5.91 5.06
CA ASN C 290 25.33 5.22 5.96
C ASN C 290 25.21 3.74 5.64
N ILE C 291 25.61 3.32 4.43
CA ILE C 291 25.63 1.90 4.10
C ILE C 291 26.87 1.23 4.68
N THR C 292 28.03 1.85 4.50
CA THR C 292 29.26 1.31 5.06
C THR C 292 29.29 1.35 6.58
N ALA C 293 28.35 2.08 7.21
CA ALA C 293 28.20 2.05 8.65
C ALA C 293 27.33 0.88 9.12
N GLY C 294 26.88 0.02 8.20
CA GLY C 294 26.05 -1.11 8.53
C GLY C 294 26.85 -2.36 8.84
N ASN C 295 26.29 -3.51 8.48
CA ASN C 295 26.93 -4.78 8.75
C ASN C 295 27.91 -5.15 7.62
N GLN C 296 28.52 -6.32 7.75
CA GLN C 296 29.51 -6.75 6.76
C GLN C 296 28.86 -7.09 5.43
N GLN C 297 27.65 -7.65 5.47
CA GLN C 297 26.93 -7.95 4.24
C GLN C 297 26.65 -6.68 3.43
N GLN C 298 26.38 -5.58 4.12
CA GLN C 298 26.11 -4.32 3.44
C GLN C 298 27.37 -3.66 2.91
N VAL C 299 28.50 -3.85 3.60
CA VAL C 299 29.79 -3.43 3.06
C VAL C 299 30.10 -4.18 1.77
N GLN C 300 29.86 -5.50 1.75
CA GLN C 300 30.10 -6.29 0.57
C GLN C 300 29.26 -5.82 -0.61
N ALA C 301 28.02 -5.39 -0.35
CA ALA C 301 27.15 -4.91 -1.42
C ALA C 301 27.74 -3.69 -2.10
N VAL C 302 28.33 -2.78 -1.32
CA VAL C 302 28.99 -1.62 -1.92
C VAL C 302 30.20 -2.06 -2.73
N ILE C 303 30.91 -3.10 -2.29
CA ILE C 303 32.06 -3.60 -3.03
C ILE C 303 31.62 -4.22 -4.35
N ASP C 304 30.65 -5.13 -4.31
CA ASP C 304 30.20 -5.81 -5.52
C ASP C 304 29.63 -4.85 -6.55
N ALA C 305 29.18 -3.67 -6.13
CA ALA C 305 28.64 -2.67 -7.04
C ALA C 305 29.72 -1.79 -7.67
N ASN C 306 30.99 -2.09 -7.43
CA ASN C 306 32.11 -1.33 -7.99
C ASN C 306 32.09 0.13 -7.55
N LEU C 307 31.53 0.41 -6.38
CA LEU C 307 31.38 1.78 -5.92
C LEU C 307 32.57 2.26 -5.09
N VAL C 308 33.34 1.35 -4.49
CA VAL C 308 34.51 1.76 -3.72
C VAL C 308 35.49 2.59 -4.54
N PRO C 309 35.87 2.20 -5.77
CA PRO C 309 36.73 3.09 -6.56
C PRO C 309 36.11 4.46 -6.80
N MET C 310 34.79 4.53 -6.97
CA MET C 310 34.14 5.80 -7.22
C MET C 310 34.10 6.68 -5.97
N ILE C 311 33.99 6.08 -4.79
CA ILE C 311 34.09 6.84 -3.55
C ILE C 311 35.51 7.38 -3.38
N ILE C 312 36.51 6.54 -3.64
CA ILE C 312 37.90 6.98 -3.54
C ILE C 312 38.19 8.10 -4.53
N HIS C 313 37.62 8.01 -5.73
CA HIS C 313 37.78 9.10 -6.71
C HIS C 313 37.24 10.42 -6.17
N LEU C 314 36.07 10.38 -5.53
CA LEU C 314 35.51 11.60 -4.95
C LEU C 314 36.26 11.99 -3.68
N LEU C 315 36.72 11.01 -2.91
CA LEU C 315 37.59 11.27 -1.78
C LEU C 315 38.81 12.07 -2.18
N ASP C 316 39.30 11.88 -3.41
CA ASP C 316 40.54 12.49 -3.88
C ASP C 316 40.29 13.80 -4.64
N LYS C 317 39.54 13.73 -5.74
CA LYS C 317 39.29 14.89 -6.60
C LYS C 317 37.85 15.38 -6.51
N GLY C 318 37.29 15.41 -5.31
CA GLY C 318 35.93 15.92 -5.13
C GLY C 318 35.90 17.21 -4.34
N ASP C 319 34.81 17.95 -4.41
CA ASP C 319 34.64 19.13 -3.58
C ASP C 319 34.69 18.74 -2.11
N PHE C 320 35.07 19.70 -1.26
CA PHE C 320 35.32 19.41 0.15
C PHE C 320 34.12 18.73 0.81
N GLY C 321 32.91 19.23 0.53
CA GLY C 321 31.72 18.61 1.08
C GLY C 321 31.62 17.14 0.71
N THR C 322 31.87 16.83 -0.57
CA THR C 322 31.87 15.43 -1.01
C THR C 322 33.03 14.65 -0.39
N GLN C 323 34.19 15.31 -0.21
CA GLN C 323 35.33 14.62 0.40
C GLN C 323 35.05 14.25 1.85
N LYS C 324 34.34 15.12 2.58
CA LYS C 324 33.96 14.79 3.96
C LYS C 324 33.09 13.54 4.00
N GLU C 325 32.07 13.48 3.14
CA GLU C 325 31.20 12.31 3.09
C GLU C 325 31.99 11.07 2.70
N ALA C 326 32.95 11.22 1.77
CA ALA C 326 33.77 10.08 1.37
C ALA C 326 34.66 9.60 2.52
N ALA C 327 35.21 10.53 3.30
CA ALA C 327 36.01 10.13 4.45
C ALA C 327 35.17 9.33 5.45
N TRP C 328 33.95 9.78 5.72
CA TRP C 328 33.05 9.01 6.57
C TRP C 328 32.76 7.64 5.98
N ALA C 329 32.46 7.58 4.68
CA ALA C 329 32.14 6.31 4.04
C ALA C 329 33.32 5.33 4.13
N ILE C 330 34.54 5.83 3.93
CA ILE C 330 35.71 4.97 4.04
C ILE C 330 35.92 4.51 5.47
N SER C 331 35.99 5.47 6.41
CA SER C 331 36.23 5.13 7.81
C SER C 331 35.18 4.18 8.37
N ASN C 332 33.90 4.42 8.05
CA ASN C 332 32.85 3.52 8.50
C ASN C 332 33.12 2.09 8.02
N LEU C 333 33.67 1.94 6.81
CA LEU C 333 33.97 0.62 6.30
C LEU C 333 35.07 -0.05 7.11
N THR C 334 36.06 0.73 7.56
CA THR C 334 37.12 0.15 8.40
C THR C 334 36.59 -0.34 9.73
N ILE C 335 35.49 0.25 10.22
CA ILE C 335 34.91 -0.18 11.48
C ILE C 335 34.09 -1.45 11.29
N SER C 336 33.32 -1.53 10.19
CA SER C 336 32.40 -2.64 9.97
C SER C 336 32.96 -3.74 9.09
N GLY C 337 33.93 -3.44 8.23
CA GLY C 337 34.39 -4.42 7.26
C GLY C 337 35.27 -5.50 7.86
N ARG C 338 35.29 -6.65 7.18
CA ARG C 338 36.20 -7.73 7.54
C ARG C 338 37.61 -7.41 7.04
N LYS C 339 38.55 -8.30 7.36
CA LYS C 339 39.93 -8.10 6.93
C LYS C 339 40.04 -8.11 5.41
N ASP C 340 39.37 -9.06 4.75
CA ASP C 340 39.42 -9.12 3.29
C ASP C 340 38.79 -7.89 2.65
N GLN C 341 37.74 -7.35 3.28
CA GLN C 341 37.08 -6.17 2.72
C GLN C 341 37.96 -4.93 2.87
N VAL C 342 38.65 -4.80 4.00
CA VAL C 342 39.62 -3.72 4.15
C VAL C 342 40.83 -3.98 3.27
N ALA C 343 41.18 -5.25 3.05
CA ALA C 343 42.24 -5.58 2.09
C ALA C 343 41.89 -5.09 0.70
N TYR C 344 40.65 -5.32 0.27
CA TYR C 344 40.19 -4.80 -1.02
C TYR C 344 40.30 -3.28 -1.06
N LEU C 345 39.98 -2.61 0.06
CA LEU C 345 40.10 -1.16 0.12
C LEU C 345 41.55 -0.72 -0.07
N ILE C 346 42.48 -1.47 0.51
CA ILE C 346 43.90 -1.13 0.36
C ILE C 346 44.32 -1.25 -1.10
N GLN C 347 43.94 -2.36 -1.75
CA GLN C 347 44.32 -2.57 -3.15
C GLN C 347 43.80 -1.47 -4.07
N GLN C 348 42.70 -0.80 -3.67
CA GLN C 348 42.10 0.25 -4.49
C GLN C 348 42.73 1.62 -4.26
N ASN C 349 43.93 1.67 -3.68
CA ASN C 349 44.70 2.91 -3.54
C ASN C 349 43.95 3.91 -2.67
N VAL C 350 43.49 3.46 -1.51
CA VAL C 350 42.72 4.32 -0.62
C VAL C 350 43.61 5.18 0.26
N ILE C 351 44.84 4.74 0.52
CA ILE C 351 45.68 5.35 1.56
C ILE C 351 46.12 6.76 1.17
N PRO C 352 46.61 7.03 -0.04
CA PRO C 352 47.05 8.40 -0.36
C PRO C 352 45.92 9.42 -0.24
N PRO C 353 44.76 9.23 -0.88
CA PRO C 353 43.71 10.26 -0.74
C PRO C 353 43.14 10.32 0.66
N PHE C 354 43.05 9.19 1.35
CA PHE C 354 42.56 9.20 2.74
C PHE C 354 43.48 10.02 3.64
N CYS C 355 44.80 9.82 3.50
CA CYS C 355 45.75 10.55 4.33
C CYS C 355 45.83 12.02 3.94
N ASN C 356 45.57 12.35 2.68
CA ASN C 356 45.64 13.74 2.24
C ASN C 356 44.64 14.64 2.95
N LEU C 357 43.60 14.08 3.54
CA LEU C 357 42.62 14.86 4.29
C LEU C 357 42.98 15.00 5.77
N LEU C 358 44.13 14.48 6.20
CA LEU C 358 44.56 14.68 7.58
C LEU C 358 44.96 16.13 7.86
N THR C 359 45.17 16.92 6.82
CA THR C 359 45.56 18.32 6.96
C THR C 359 44.37 19.29 6.95
N VAL C 360 43.14 18.76 6.92
CA VAL C 360 41.98 19.65 6.86
C VAL C 360 41.76 20.32 8.22
N LYS C 361 41.05 21.45 8.17
CA LYS C 361 40.75 22.19 9.39
C LYS C 361 39.57 21.58 10.16
N ASP C 362 38.75 20.77 9.52
CA ASP C 362 37.66 20.10 10.23
C ASP C 362 38.23 19.10 11.21
N ALA C 363 37.96 19.30 12.50
CA ALA C 363 38.49 18.40 13.50
C ALA C 363 37.85 17.03 13.43
N GLN C 364 36.56 16.98 13.10
CA GLN C 364 35.87 15.69 13.04
C GLN C 364 36.38 14.84 11.88
N VAL C 365 36.66 15.47 10.74
CA VAL C 365 37.19 14.72 9.59
C VAL C 365 38.53 14.09 9.94
N VAL C 366 39.45 14.89 10.50
CA VAL C 366 40.75 14.38 10.90
C VAL C 366 40.58 13.23 11.89
N GLN C 367 39.68 13.40 12.86
CA GLN C 367 39.39 12.32 13.80
C GLN C 367 38.88 11.08 13.06
N VAL C 368 37.99 11.30 12.09
CA VAL C 368 37.44 10.18 11.31
C VAL C 368 38.52 9.51 10.48
N VAL C 369 39.43 10.29 9.90
CA VAL C 369 40.49 9.70 9.07
C VAL C 369 41.49 8.94 9.92
N LEU C 370 41.86 9.50 11.08
CA LEU C 370 42.81 8.80 11.95
C LEU C 370 42.24 7.50 12.48
N ASP C 371 40.96 7.49 12.87
CA ASP C 371 40.33 6.25 13.31
C ASP C 371 40.35 5.19 12.22
N GLY C 372 40.09 5.59 10.98
CA GLY C 372 40.15 4.64 9.87
C GLY C 372 41.54 4.08 9.66
N LEU C 373 42.53 4.96 9.56
CA LEU C 373 43.91 4.53 9.43
C LEU C 373 44.32 3.64 10.60
N SER C 374 43.94 4.03 11.81
CA SER C 374 44.23 3.23 12.99
C SER C 374 43.63 1.84 12.88
N ASN C 375 42.36 1.76 12.47
CA ASN C 375 41.69 0.46 12.36
C ASN C 375 42.31 -0.39 11.26
N ILE C 376 42.77 0.23 10.17
CA ILE C 376 43.41 -0.53 9.10
C ILE C 376 44.69 -1.19 9.60
N LEU C 377 45.54 -0.42 10.28
CA LEU C 377 46.79 -0.96 10.82
C LEU C 377 46.51 -2.05 11.85
N LYS C 378 45.56 -1.79 12.76
CA LYS C 378 45.24 -2.78 13.79
C LYS C 378 44.64 -4.05 13.22
N MET C 379 44.00 -3.97 12.04
CA MET C 379 43.32 -5.14 11.50
C MET C 379 44.30 -6.12 10.85
N ALA C 380 45.29 -5.61 10.12
CA ALA C 380 46.29 -6.45 9.49
C ALA C 380 47.51 -6.54 10.40
N GLU C 381 47.40 -7.41 11.40
CA GLU C 381 48.49 -7.56 12.37
C GLU C 381 49.73 -8.15 11.71
N ASP C 382 49.57 -9.22 10.93
CA ASP C 382 50.72 -9.90 10.34
C ASP C 382 51.40 -9.01 9.29
N GLU C 383 50.62 -8.32 8.47
CA GLU C 383 51.14 -7.49 7.39
C GLU C 383 51.05 -6.00 7.72
N ALA C 384 51.11 -5.65 9.00
CA ALA C 384 51.07 -4.25 9.40
C ALA C 384 52.23 -3.46 8.80
N GLU C 385 53.39 -4.08 8.62
CA GLU C 385 54.54 -3.38 8.08
C GLU C 385 54.29 -2.93 6.64
N THR C 386 53.65 -3.78 5.84
CA THR C 386 53.35 -3.40 4.45
C THR C 386 52.43 -2.20 4.38
N ILE C 387 51.41 -2.15 5.24
CA ILE C 387 50.50 -1.01 5.25
C ILE C 387 51.22 0.22 5.78
N GLY C 388 52.06 0.05 6.81
CA GLY C 388 52.84 1.17 7.31
C GLY C 388 53.74 1.77 6.24
N ASN C 389 54.26 0.93 5.34
CA ASN C 389 55.05 1.44 4.22
C ASN C 389 54.19 2.27 3.28
N LEU C 390 53.01 1.75 2.91
CA LEU C 390 52.12 2.50 2.04
C LEU C 390 51.74 3.85 2.65
N ILE C 391 51.46 3.87 3.95
CA ILE C 391 51.16 5.13 4.64
C ILE C 391 52.37 6.06 4.57
N GLU C 392 53.57 5.50 4.70
CA GLU C 392 54.77 6.33 4.69
C GLU C 392 55.08 6.87 3.30
N GLU C 393 54.86 6.06 2.26
CA GLU C 393 55.22 6.45 0.90
C GLU C 393 54.52 7.75 0.50
N CYS C 394 53.22 7.86 0.78
CA CYS C 394 52.44 9.02 0.37
C CYS C 394 52.59 10.21 1.32
N GLY C 395 53.49 10.14 2.29
CA GLY C 395 53.62 11.20 3.27
C GLY C 395 52.63 11.14 4.41
N GLY C 396 51.91 10.02 4.57
CA GLY C 396 50.91 9.94 5.62
C GLY C 396 51.52 10.01 7.01
N LEU C 397 52.60 9.25 7.24
CA LEU C 397 53.24 9.25 8.55
C LEU C 397 53.69 10.64 8.97
N GLU C 398 54.10 11.47 8.00
CA GLU C 398 54.42 12.86 8.31
C GLU C 398 53.21 13.57 8.91
N LYS C 399 52.03 13.33 8.34
CA LYS C 399 50.83 14.01 8.83
C LYS C 399 50.38 13.47 10.18
N ILE C 400 50.58 12.17 10.43
CA ILE C 400 50.27 11.61 11.75
C ILE C 400 51.17 12.24 12.80
N GLU C 401 52.48 12.37 12.50
CA GLU C 401 53.40 12.98 13.45
C GLU C 401 53.10 14.46 13.65
N GLN C 402 52.70 15.15 12.57
CA GLN C 402 52.27 16.54 12.71
C GLN C 402 51.02 16.65 13.59
N LEU C 403 50.14 15.65 13.54
CA LEU C 403 48.95 15.63 14.37
C LEU C 403 49.23 15.22 15.81
N GLN C 404 50.45 14.78 16.13
CA GLN C 404 50.81 14.51 17.52
C GLN C 404 50.79 15.78 18.36
N ASN C 405 50.88 16.94 17.72
CA ASN C 405 50.79 18.23 18.40
C ASN C 405 49.43 18.88 18.24
N HIS C 406 48.43 18.13 17.78
CA HIS C 406 47.09 18.68 17.57
C HIS C 406 46.51 19.16 18.90
N GLU C 407 45.55 20.08 18.80
CA GLU C 407 44.95 20.67 19.99
C GLU C 407 43.98 19.70 20.66
N ASN C 408 43.25 18.92 19.86
CA ASN C 408 42.25 18.02 20.39
C ASN C 408 42.93 16.85 21.11
N GLU C 409 42.44 16.54 22.32
CA GLU C 409 43.05 15.49 23.13
C GLU C 409 42.99 14.14 22.44
N ASP C 410 41.81 13.78 21.93
CA ASP C 410 41.63 12.47 21.31
C ASP C 410 42.42 12.30 20.03
N ILE C 411 42.75 13.40 19.35
CA ILE C 411 43.44 13.31 18.07
C ILE C 411 44.93 13.01 18.28
N TYR C 412 45.60 13.80 19.12
CA TYR C 412 47.04 13.59 19.28
C TYR C 412 47.34 12.36 20.11
N LYS C 413 46.43 11.95 20.99
CA LYS C 413 46.64 10.72 21.74
C LYS C 413 46.60 9.50 20.81
N LEU C 414 45.68 9.49 19.85
CA LEU C 414 45.64 8.39 18.90
C LEU C 414 46.83 8.45 17.95
N ALA C 415 47.27 9.66 17.59
CA ALA C 415 48.43 9.79 16.72
C ALA C 415 49.67 9.19 17.36
N TYR C 416 49.87 9.44 18.66
CA TYR C 416 50.97 8.79 19.38
C TYR C 416 50.79 7.28 19.42
N GLU C 417 49.55 6.83 19.68
CA GLU C 417 49.31 5.39 19.79
C GLU C 417 49.57 4.69 18.47
N ILE C 418 49.14 5.29 17.36
CA ILE C 418 49.43 4.72 16.04
C ILE C 418 50.94 4.66 15.81
N ILE C 419 51.65 5.73 16.20
CA ILE C 419 53.08 5.78 15.96
C ILE C 419 53.83 4.86 16.91
N ASP C 420 53.36 4.77 18.17
CA ASP C 420 53.99 3.85 19.11
C ASP C 420 53.75 2.40 18.73
N GLN C 421 52.54 2.09 18.26
CA GLN C 421 52.14 0.70 18.03
C GLN C 421 52.61 0.17 16.69
N PHE C 422 52.81 1.05 15.69
CA PHE C 422 53.15 0.60 14.35
C PHE C 422 54.41 1.25 13.80
N PHE C 423 55.08 2.11 14.57
CA PHE C 423 56.31 2.74 14.14
C PHE C 423 57.26 2.79 15.32
N SER C 424 58.52 3.10 15.04
CA SER C 424 59.59 3.14 16.06
C SER C 424 59.76 1.81 16.80
N ARG D 3 24.39 1.15 15.65
CA ARG D 3 24.92 1.78 14.44
C ARG D 3 25.00 3.28 14.59
N VAL D 4 25.92 3.90 13.85
CA VAL D 4 26.12 5.34 13.86
C VAL D 4 25.82 5.85 12.46
N LYS D 5 24.59 6.31 12.27
CA LYS D 5 24.16 6.89 11.00
C LYS D 5 24.09 8.40 11.12
N ARG D 6 24.39 9.08 10.01
CA ARG D 6 24.36 10.53 10.01
C ARG D 6 23.21 11.04 9.14
N PRO D 7 22.60 12.18 9.49
CA PRO D 7 22.90 13.05 10.64
C PRO D 7 22.55 12.41 11.98
N MET D 8 23.41 12.63 12.98
CA MET D 8 23.26 11.96 14.25
C MET D 8 22.15 12.59 15.07
N ASN D 9 21.48 11.76 15.87
CA ASN D 9 20.49 12.25 16.82
C ASN D 9 21.19 12.60 18.14
N ALA D 10 20.38 13.06 19.12
CA ALA D 10 20.94 13.52 20.39
C ALA D 10 21.77 12.43 21.07
N PHE D 11 21.29 11.18 21.04
CA PHE D 11 22.03 10.09 21.67
C PHE D 11 23.35 9.84 20.95
N MET D 12 23.35 9.87 19.62
CA MET D 12 24.56 9.55 18.88
C MET D 12 25.67 10.57 19.11
N VAL D 13 25.33 11.86 19.12
CA VAL D 13 26.34 12.89 19.38
C VAL D 13 26.86 12.76 20.81
N TRP D 14 25.98 12.39 21.75
CA TRP D 14 26.41 12.14 23.12
C TRP D 14 27.31 10.91 23.19
N SER D 15 26.96 9.84 22.47
CA SER D 15 27.76 8.63 22.48
C SER D 15 29.16 8.85 21.92
N ARG D 16 29.32 9.79 20.99
CA ARG D 16 30.62 9.98 20.34
C ARG D 16 31.71 10.31 21.35
N GLY D 17 31.42 11.23 22.28
CA GLY D 17 32.41 11.54 23.30
C GLY D 17 32.59 10.41 24.30
N GLN D 18 31.47 9.84 24.77
CA GLN D 18 31.52 8.79 25.78
C GLN D 18 32.19 7.52 25.25
N ARG D 19 32.07 7.26 23.95
CA ARG D 19 32.60 6.03 23.37
C ARG D 19 34.10 5.88 23.61
N ARG D 20 34.87 6.93 23.31
CA ARG D 20 36.33 6.83 23.36
C ARG D 20 36.84 6.56 24.77
N LYS D 21 36.36 7.32 25.76
CA LYS D 21 36.79 7.10 27.14
C LYS D 21 36.47 5.69 27.60
N MET D 22 35.23 5.24 27.38
CA MET D 22 34.82 3.92 27.84
C MET D 22 35.68 2.81 27.24
N ALA D 23 36.15 3.00 26.01
CA ALA D 23 37.04 2.03 25.41
C ALA D 23 38.39 1.99 26.14
N GLN D 24 38.92 3.16 26.48
CA GLN D 24 40.21 3.21 27.16
C GLN D 24 40.12 2.68 28.58
N GLU D 25 39.08 3.09 29.33
CA GLU D 25 38.93 2.65 30.71
C GLU D 25 38.62 1.16 30.81
N ASN D 26 38.03 0.58 29.77
CA ASN D 26 37.69 -0.84 29.74
C ASN D 26 38.13 -1.42 28.40
N PRO D 27 39.44 -1.60 28.20
CA PRO D 27 39.92 -2.11 26.91
C PRO D 27 39.47 -3.53 26.61
N LYS D 28 39.07 -4.29 27.62
CA LYS D 28 38.63 -5.67 27.42
C LYS D 28 37.13 -5.78 27.17
N MET D 29 36.48 -4.68 26.81
CA MET D 29 35.06 -4.67 26.51
C MET D 29 34.86 -4.43 25.01
N HIS D 30 34.06 -5.29 24.38
CA HIS D 30 33.84 -5.15 22.96
C HIS D 30 32.76 -4.10 22.70
N ASN D 31 32.72 -3.62 21.44
CA ASN D 31 31.81 -2.53 21.09
C ASN D 31 30.35 -2.85 21.36
N SER D 32 29.97 -4.13 21.29
CA SER D 32 28.58 -4.50 21.54
C SER D 32 28.18 -4.18 22.99
N GLU D 33 29.03 -4.53 23.95
CA GLU D 33 28.71 -4.23 25.34
C GLU D 33 28.87 -2.74 25.63
N ILE D 34 29.78 -2.05 24.94
CA ILE D 34 29.94 -0.62 25.16
C ILE D 34 28.71 0.13 24.69
N SER D 35 28.12 -0.29 23.57
CA SER D 35 26.89 0.34 23.09
C SER D 35 25.73 0.10 24.05
N LYS D 36 25.65 -1.12 24.61
CA LYS D 36 24.56 -1.43 25.52
C LYS D 36 24.58 -0.54 26.75
N ARG D 37 25.76 -0.37 27.36
CA ARG D 37 25.85 0.45 28.56
C ARG D 37 25.64 1.92 28.26
N LEU D 38 26.19 2.40 27.13
CA LEU D 38 25.97 3.79 26.74
C LEU D 38 24.50 4.06 26.52
N GLY D 39 23.79 3.13 25.88
CA GLY D 39 22.36 3.29 25.71
C GLY D 39 21.61 3.33 27.03
N ALA D 40 22.07 2.54 28.01
CA ALA D 40 21.43 2.55 29.32
C ALA D 40 21.75 3.83 30.09
N GLU D 41 23.01 4.25 30.08
CA GLU D 41 23.41 5.46 30.80
C GLU D 41 22.76 6.71 30.22
N TRP D 42 22.37 6.68 28.94
CA TRP D 42 21.62 7.78 28.36
C TRP D 42 20.28 7.97 29.05
N LYS D 43 19.67 6.88 29.54
CA LYS D 43 18.38 6.96 30.19
C LYS D 43 18.44 7.69 31.53
N LEU D 44 19.62 7.80 32.13
CA LEU D 44 19.76 8.48 33.43
C LEU D 44 19.83 9.99 33.29
N LEU D 45 20.16 10.51 32.11
CA LEU D 45 20.32 11.95 31.94
C LEU D 45 18.97 12.65 32.02
N SER D 46 18.96 13.81 32.67
CA SER D 46 17.75 14.62 32.70
C SER D 46 17.58 15.39 31.40
N GLU D 47 16.41 16.00 31.24
CA GLU D 47 16.13 16.75 30.02
C GLU D 47 17.09 17.93 29.86
N THR D 48 17.43 18.59 30.97
CA THR D 48 18.36 19.70 30.90
C THR D 48 19.76 19.23 30.52
N GLU D 49 20.15 18.04 30.98
CA GLU D 49 21.47 17.51 30.62
C GLU D 49 21.50 17.03 29.18
N LYS D 50 20.34 16.65 28.62
CA LYS D 50 20.26 16.24 27.23
C LYS D 50 20.18 17.42 26.27
N ARG D 51 19.75 18.58 26.76
CA ARG D 51 19.51 19.73 25.89
C ARG D 51 20.69 20.10 24.99
N PRO D 52 21.94 20.16 25.46
CA PRO D 52 23.03 20.47 24.52
C PRO D 52 23.12 19.49 23.37
N PHE D 53 22.86 18.21 23.63
CA PHE D 53 22.93 17.20 22.58
C PHE D 53 21.68 17.17 21.72
N ILE D 54 20.53 17.58 22.26
CA ILE D 54 19.32 17.72 21.46
C ILE D 54 19.45 18.88 20.48
N ASP D 55 20.01 20.01 20.94
CA ASP D 55 20.16 21.16 20.07
C ASP D 55 21.17 20.90 18.97
N GLU D 56 22.23 20.13 19.27
CA GLU D 56 23.19 19.77 18.24
C GLU D 56 22.56 18.90 17.17
N ALA D 57 21.73 17.93 17.57
CA ALA D 57 21.06 17.09 16.60
C ALA D 57 20.13 17.89 15.70
N LYS D 58 19.40 18.85 16.29
CA LYS D 58 18.59 19.75 15.47
C LYS D 58 19.45 20.58 14.54
N ARG D 59 20.61 21.04 15.01
CA ARG D 59 21.51 21.81 14.17
C ARG D 59 22.02 20.97 13.00
N LEU D 60 22.44 19.73 13.29
CA LEU D 60 22.86 18.84 12.22
C LEU D 60 21.71 18.52 11.27
N ARG D 61 20.49 18.43 11.80
CA ARG D 61 19.33 18.16 10.95
C ARG D 61 19.02 19.34 10.04
N ALA D 62 19.13 20.56 10.57
CA ALA D 62 18.86 21.75 9.77
C ALA D 62 19.83 21.85 8.60
N LEU D 63 21.12 21.57 8.83
CA LEU D 63 22.09 21.60 7.76
C LEU D 63 21.80 20.53 6.72
N HIS D 64 21.40 19.34 7.17
CA HIS D 64 21.11 18.25 6.25
C HIS D 64 19.97 18.58 5.30
N MET D 65 18.97 19.33 5.77
CA MET D 65 17.85 19.68 4.90
C MET D 65 18.20 20.84 3.96
N LYS D 66 18.94 21.83 4.45
CA LYS D 66 19.35 22.93 3.60
C LYS D 66 20.30 22.47 2.50
N GLU D 67 21.05 21.39 2.73
CA GLU D 67 21.95 20.83 1.74
C GLU D 67 21.26 19.82 0.83
N HIS D 68 19.94 19.78 0.83
CA HIS D 68 19.21 18.98 -0.15
C HIS D 68 19.55 19.49 -1.54
N PRO D 69 19.90 18.61 -2.49
CA PRO D 69 20.31 19.09 -3.82
C PRO D 69 19.32 20.04 -4.47
N ASP D 70 18.02 19.83 -4.29
CA ASP D 70 16.99 20.72 -4.82
C ASP D 70 16.28 21.47 -3.70
N TYR D 71 17.03 21.88 -2.67
CA TYR D 71 16.45 22.64 -1.58
C TYR D 71 15.80 23.92 -2.08
N LYS D 72 16.44 24.59 -3.05
CA LYS D 72 15.92 25.84 -3.58
C LYS D 72 14.55 25.63 -4.21
N TYR D 73 14.34 24.48 -4.86
CA TYR D 73 13.09 24.16 -5.53
C TYR D 73 12.19 23.27 -4.67
N ARG D 74 12.36 23.30 -3.36
CA ARG D 74 11.56 22.49 -2.47
C ARG D 74 10.11 23.01 -2.44
N PRO D 75 9.15 22.13 -2.14
CA PRO D 75 7.78 22.61 -1.93
C PRO D 75 7.72 23.46 -0.66
N ARG D 76 7.07 24.61 -0.77
CA ARG D 76 6.99 25.54 0.34
C ARG D 76 5.78 25.22 1.23
N ARG D 77 5.85 25.72 2.47
CA ARG D 77 4.79 25.45 3.42
C ARG D 77 3.53 26.24 3.10
N LYS D 78 3.69 27.46 2.59
CA LYS D 78 2.56 28.33 2.28
C LYS D 78 2.72 28.93 0.89
N THR D 79 1.60 29.04 0.17
CA THR D 79 1.60 29.59 -1.18
C THR D 79 0.39 30.51 -1.33
N LYS D 80 0.53 31.48 -2.23
CA LYS D 80 -0.52 32.45 -2.50
C LYS D 80 -1.29 32.08 -3.76
N THR D 81 -2.58 32.41 -3.77
CA THR D 81 -3.42 32.28 -4.96
C THR D 81 -3.45 33.64 -5.64
N LEU D 82 -2.59 33.83 -6.63
CA LEU D 82 -2.46 35.12 -7.29
C LEU D 82 -3.32 35.16 -8.55
N MET D 83 -3.49 36.36 -9.08
CA MET D 83 -4.28 36.55 -10.30
C MET D 83 -3.35 36.63 -11.51
S SO4 E . 5.42 -46.00 -30.62
O1 SO4 E . 4.72 -46.41 -29.41
O2 SO4 E . 6.86 -46.12 -30.40
O3 SO4 E . 5.09 -44.61 -30.93
O4 SO4 E . 5.02 -46.86 -31.73
S SO4 F . -10.10 -23.09 -13.95
O1 SO4 F . -10.28 -24.26 -13.10
O2 SO4 F . -9.76 -21.94 -13.12
O3 SO4 F . -11.34 -22.83 -14.68
O4 SO4 F . -9.02 -23.33 -14.91
S SO4 G . -12.89 -24.34 -3.79
O1 SO4 G . -14.29 -24.26 -3.37
O2 SO4 G . -12.16 -25.17 -2.84
O3 SO4 G . -12.31 -23.00 -3.82
O4 SO4 G . -12.83 -24.94 -5.12
S SO4 H . 9.58 26.86 3.87
O1 SO4 H . 8.95 26.78 5.18
O2 SO4 H . 9.84 25.51 3.38
O3 SO4 H . 8.69 27.57 2.94
O4 SO4 H . 10.84 27.58 3.99
S SO4 I . 10.86 19.62 12.04
O1 SO4 I . 9.69 19.69 12.92
O2 SO4 I . 12.03 19.22 12.81
O3 SO4 I . 11.10 20.94 11.46
O4 SO4 I . 10.62 18.66 10.97
#